data_2HOZ
#
_entry.id   2HOZ
#
_cell.length_a   65.420
_cell.length_b   107.780
_cell.length_c   121.060
_cell.angle_alpha   90.00
_cell.angle_beta   90.00
_cell.angle_gamma   90.00
#
_symmetry.space_group_name_H-M   'P 21 21 21'
#
loop_
_entity.id
_entity.type
_entity.pdbx_description
1 polymer 'Glutamate-1-semialdehyde 2,1-aminomutase (GSAM) pmp-form'
2 non-polymer "4'-DEOXY-4'-AMINOPYRIDOXAL-5'-PHOSPHATE"
3 non-polymer '(4S)-4,5-DIAMINOPENTANOIC ACID'
4 water water
#
_entity_poly.entity_id   1
_entity_poly.type   'polypeptide(L)'
_entity_poly.pdbx_seq_one_letter_code
;VTSSPFKTIKSDEIFAAAQKLMPGGVSSPVRAFKSVGGQPIVFDRVKDAYAWDVDGNRYIDYVGTWGPAICGHAHPEVIE
ALKVAMEKGTSFGAPCALENVLAEMVNDAVPSIEMVRFVNSGTEACMAVLRIMRAYTGRDKIIKFEGCYHGHADMFLVKA
GSGVATLGLPSSPGVPKKTTANTLTTPYNDLEAVKALFAENPGEIAGVILEPIVGNSGFIVPDAGFLEGLREITLEHDAL
LVFDEVMTGFRIAYGGVQEKFGVTPDLTTLGKIIGGGLPVGAYGGKREIMQLVAPAGPMYQAGTLSGNPLAMTAGIKTLE
LLRQPGTYEYLDQITKRLSDGLLAIAQETGHAACGGQVSGMFGFFFTEGPVHNYEDAKKSDLQKFSRFHRGMLEQGIYLA
PSQFEAGFTSLAHTEEDIDATLAAARTVMSAL
;
_entity_poly.pdbx_strand_id   A,B
#
loop_
_chem_comp.id
_chem_comp.type
_chem_comp.name
_chem_comp.formula
HOZ non-polymer '(4S)-4,5-DIAMINOPENTANOIC ACID' 'C5 H12 N2 O2'
PMP non-polymer 4'-DEOXY-4'-AMINOPYRIDOXAL-5'-PHOSPHATE 'C8 H13 N2 O5 P'
#
# COMPACT_ATOMS: atom_id res chain seq x y z
N PHE A 6 2.50 -37.23 2.02
CA PHE A 6 2.46 -35.76 1.80
C PHE A 6 3.01 -35.35 0.43
N LYS A 7 2.15 -34.77 -0.40
CA LYS A 7 2.56 -34.33 -1.73
C LYS A 7 1.97 -32.97 -2.07
N THR A 8 2.75 -32.17 -2.78
CA THR A 8 2.36 -30.82 -3.17
C THR A 8 2.60 -30.65 -4.67
N ILE A 9 2.21 -31.65 -5.45
CA ILE A 9 2.40 -31.61 -6.89
C ILE A 9 1.82 -30.37 -7.54
N LYS A 10 0.56 -30.07 -7.25
CA LYS A 10 -0.07 -28.89 -7.84
C LYS A 10 0.61 -27.59 -7.44
N SER A 11 1.02 -27.47 -6.19
CA SER A 11 1.71 -26.27 -5.75
C SER A 11 3.02 -26.18 -6.51
N ASP A 12 3.72 -27.31 -6.61
CA ASP A 12 4.99 -27.35 -7.32
C ASP A 12 4.78 -26.81 -8.73
N GLU A 13 3.72 -27.28 -9.39
CA GLU A 13 3.40 -26.84 -10.73
C GLU A 13 3.08 -25.36 -10.83
N ILE A 14 2.13 -24.90 -10.01
CA ILE A 14 1.74 -23.50 -10.03
C ILE A 14 2.92 -22.61 -9.69
N PHE A 15 3.69 -23.00 -8.68
CA PHE A 15 4.85 -22.22 -8.28
C PHE A 15 5.89 -22.19 -9.39
N ALA A 16 6.06 -23.31 -10.07
CA ALA A 16 7.03 -23.39 -11.17
C ALA A 16 6.63 -22.41 -12.28
N ALA A 17 5.35 -22.37 -12.58
CA ALA A 17 4.84 -21.47 -13.62
C ALA A 17 4.92 -20.02 -13.15
N ALA A 18 4.73 -19.79 -11.86
CA ALA A 18 4.78 -18.45 -11.29
C ALA A 18 6.16 -17.82 -11.46
N GLN A 19 7.20 -18.64 -11.37
CA GLN A 19 8.59 -18.20 -11.51
C GLN A 19 8.83 -17.47 -12.83
N LYS A 20 8.04 -17.79 -13.84
CA LYS A 20 8.20 -17.17 -15.14
C LYS A 20 7.36 -15.91 -15.26
N LEU A 21 6.38 -15.77 -14.37
CA LEU A 21 5.46 -14.63 -14.40
C LEU A 21 5.79 -13.54 -13.39
N MET A 22 6.34 -13.95 -12.24
CA MET A 22 6.66 -13.01 -11.18
C MET A 22 8.03 -13.31 -10.59
N PRO A 23 8.72 -12.27 -10.10
CA PRO A 23 10.05 -12.46 -9.51
C PRO A 23 10.03 -13.50 -8.39
N GLY A 24 10.79 -14.57 -8.56
CA GLY A 24 10.83 -15.62 -7.55
C GLY A 24 9.54 -16.39 -7.44
N GLY A 25 8.60 -16.11 -8.35
CA GLY A 25 7.31 -16.79 -8.35
C GLY A 25 6.39 -16.39 -7.21
N VAL A 26 6.65 -15.25 -6.58
CA VAL A 26 5.85 -14.79 -5.45
C VAL A 26 5.63 -13.27 -5.44
N SER A 27 4.68 -12.81 -4.64
CA SER A 27 4.38 -11.39 -4.50
C SER A 27 5.15 -10.81 -3.33
N SER A 28 5.76 -11.70 -2.56
CA SER A 28 6.55 -11.28 -1.41
C SER A 28 7.63 -12.34 -1.19
N PRO A 29 8.88 -11.91 -0.97
CA PRO A 29 10.03 -12.78 -0.76
C PRO A 29 9.85 -14.01 0.13
N VAL A 30 9.42 -13.80 1.37
CA VAL A 30 9.27 -14.93 2.29
C VAL A 30 8.38 -16.06 1.76
N ARG A 31 7.41 -15.72 0.92
CA ARG A 31 6.51 -16.73 0.38
C ARG A 31 7.24 -17.79 -0.43
N ALA A 32 8.44 -17.46 -0.91
CA ALA A 32 9.23 -18.40 -1.69
C ALA A 32 9.81 -19.55 -0.87
N PHE A 33 9.58 -19.55 0.43
CA PHE A 33 10.07 -20.63 1.30
C PHE A 33 11.58 -20.86 1.23
N LYS A 34 12.35 -19.88 0.75
CA LYS A 34 13.78 -20.07 0.64
C LYS A 34 14.48 -20.32 1.98
N SER A 35 13.83 -19.96 3.08
CA SER A 35 14.42 -20.20 4.40
C SER A 35 14.10 -21.61 4.87
N VAL A 36 13.20 -22.29 4.18
CA VAL A 36 12.81 -23.63 4.60
C VAL A 36 12.58 -24.67 3.50
N GLY A 37 13.49 -24.76 2.55
CA GLY A 37 13.35 -25.75 1.51
C GLY A 37 12.99 -25.23 0.13
N GLY A 38 12.41 -24.04 0.06
CA GLY A 38 12.04 -23.47 -1.23
C GLY A 38 10.89 -24.14 -1.96
N GLN A 39 10.07 -24.88 -1.23
CA GLN A 39 8.92 -25.58 -1.81
C GLN A 39 7.67 -25.01 -1.18
N PRO A 40 7.23 -23.83 -1.62
CA PRO A 40 6.03 -23.19 -1.07
C PRO A 40 4.72 -23.91 -1.35
N ILE A 41 3.75 -23.61 -0.50
CA ILE A 41 2.42 -24.19 -0.61
C ILE A 41 1.49 -23.16 -1.25
N VAL A 42 0.80 -23.57 -2.31
CA VAL A 42 -0.12 -22.66 -2.97
C VAL A 42 -1.49 -22.91 -2.36
N PHE A 43 -2.05 -21.88 -1.71
CA PHE A 43 -3.35 -21.98 -1.06
C PHE A 43 -4.53 -21.92 -2.01
N ASP A 44 -5.61 -22.60 -1.64
CA ASP A 44 -6.83 -22.58 -2.43
C ASP A 44 -7.89 -21.83 -1.65
N ARG A 45 -7.96 -22.10 -0.35
CA ARG A 45 -8.94 -21.43 0.49
C ARG A 45 -8.57 -21.62 1.94
N VAL A 46 -9.12 -20.77 2.79
CA VAL A 46 -8.88 -20.82 4.22
C VAL A 46 -10.20 -20.59 4.93
N LYS A 47 -10.35 -21.17 6.11
CA LYS A 47 -11.57 -21.05 6.88
C LYS A 47 -11.27 -21.34 8.35
N ASP A 48 -11.79 -20.51 9.24
CA ASP A 48 -11.56 -20.69 10.66
C ASP A 48 -10.06 -20.74 10.94
N ALA A 49 -9.58 -21.85 11.49
CA ALA A 49 -8.16 -21.96 11.81
C ALA A 49 -7.40 -22.81 10.78
N TYR A 50 -8.05 -23.11 9.66
CA TYR A 50 -7.44 -23.96 8.64
C TYR A 50 -7.25 -23.35 7.27
N ALA A 51 -6.36 -23.98 6.51
CA ALA A 51 -6.04 -23.60 5.16
C ALA A 51 -6.04 -24.86 4.31
N TRP A 52 -6.47 -24.74 3.07
CA TRP A 52 -6.48 -25.88 2.16
C TRP A 52 -5.59 -25.64 0.95
N ASP A 53 -4.72 -26.61 0.70
CA ASP A 53 -3.77 -26.65 -0.42
C ASP A 53 -4.50 -26.75 -1.72
N VAL A 54 -3.77 -26.49 -2.81
CA VAL A 54 -4.33 -26.63 -4.14
C VAL A 54 -4.36 -28.14 -4.40
N ASP A 55 -3.65 -28.89 -3.56
CA ASP A 55 -3.59 -30.35 -3.64
C ASP A 55 -4.56 -31.02 -2.66
N GLY A 56 -5.32 -30.23 -1.91
CA GLY A 56 -6.26 -30.82 -0.97
C GLY A 56 -5.74 -30.94 0.44
N ASN A 57 -4.44 -30.73 0.63
CA ASN A 57 -3.85 -30.80 1.96
C ASN A 57 -4.54 -29.76 2.84
N ARG A 58 -4.84 -30.14 4.08
CA ARG A 58 -5.48 -29.25 5.03
C ARG A 58 -4.54 -29.04 6.22
N TYR A 59 -4.37 -27.79 6.63
CA TYR A 59 -3.48 -27.50 7.74
C TYR A 59 -4.14 -26.65 8.81
N ILE A 60 -3.62 -26.75 10.03
CA ILE A 60 -4.07 -25.91 11.11
C ILE A 60 -3.08 -24.78 10.85
N ASP A 61 -3.61 -23.58 10.65
CA ASP A 61 -2.80 -22.44 10.28
C ASP A 61 -2.35 -21.55 11.44
N TYR A 62 -1.05 -21.29 11.51
CA TYR A 62 -0.50 -20.44 12.57
C TYR A 62 0.17 -19.19 12.01
N VAL A 63 -0.31 -18.80 10.84
CA VAL A 63 0.18 -17.63 10.14
C VAL A 63 -0.97 -16.63 10.07
N GLY A 64 -2.18 -17.16 9.90
CA GLY A 64 -3.38 -16.31 9.81
C GLY A 64 -3.12 -15.14 8.88
N THR A 65 -2.67 -15.44 7.68
CA THR A 65 -2.34 -14.45 6.67
C THR A 65 -1.53 -13.29 7.27
N TRP A 66 -0.67 -13.64 8.21
CA TRP A 66 0.22 -12.70 8.90
C TRP A 66 -0.42 -11.67 9.82
N GLY A 67 -1.44 -12.07 10.59
CA GLY A 67 -2.07 -11.15 11.50
C GLY A 67 -3.55 -10.82 11.35
N PRO A 68 -4.02 -10.47 10.15
CA PRO A 68 -5.43 -10.12 9.93
C PRO A 68 -6.49 -11.08 10.46
N ALA A 69 -6.32 -12.37 10.20
CA ALA A 69 -7.29 -13.38 10.61
C ALA A 69 -7.31 -13.72 12.09
N ILE A 70 -7.38 -12.71 12.95
CA ILE A 70 -7.39 -12.96 14.39
C ILE A 70 -8.69 -13.63 14.85
N CYS A 71 -9.78 -13.40 14.11
CA CYS A 71 -11.07 -13.99 14.45
C CYS A 71 -11.31 -15.22 13.59
N GLY A 72 -10.25 -15.70 12.94
CA GLY A 72 -10.36 -16.86 12.07
C GLY A 72 -10.49 -16.46 10.61
N HIS A 73 -10.10 -17.36 9.73
CA HIS A 73 -10.17 -17.12 8.30
C HIS A 73 -11.61 -17.11 7.80
N ALA A 74 -11.91 -16.23 6.86
CA ALA A 74 -13.24 -16.14 6.29
C ALA A 74 -14.35 -16.20 7.31
N HIS A 75 -14.27 -15.35 8.33
CA HIS A 75 -15.31 -15.31 9.35
C HIS A 75 -16.59 -14.91 8.64
N PRO A 76 -17.69 -15.66 8.88
CA PRO A 76 -18.98 -15.37 8.24
C PRO A 76 -19.49 -13.96 8.44
N GLU A 77 -19.30 -13.40 9.63
CA GLU A 77 -19.76 -12.05 9.88
C GLU A 77 -18.97 -11.01 9.10
N VAL A 78 -17.67 -11.26 8.92
CA VAL A 78 -16.84 -10.34 8.16
C VAL A 78 -17.23 -10.42 6.68
N ILE A 79 -17.36 -11.64 6.17
CA ILE A 79 -17.71 -11.80 4.75
C ILE A 79 -19.11 -11.25 4.52
N GLU A 80 -19.98 -11.41 5.50
CA GLU A 80 -21.35 -10.92 5.37
C GLU A 80 -21.34 -9.40 5.28
N ALA A 81 -20.52 -8.77 6.13
CA ALA A 81 -20.44 -7.31 6.11
C ALA A 81 -19.85 -6.87 4.78
N LEU A 82 -18.90 -7.65 4.27
CA LEU A 82 -18.27 -7.34 3.00
C LEU A 82 -19.22 -7.47 1.82
N LYS A 83 -20.11 -8.46 1.87
CA LYS A 83 -21.08 -8.66 0.79
C LYS A 83 -21.93 -7.41 0.65
N VAL A 84 -22.31 -6.83 1.78
CA VAL A 84 -23.12 -5.62 1.79
C VAL A 84 -22.32 -4.44 1.26
N ALA A 85 -21.08 -4.32 1.72
CA ALA A 85 -20.22 -3.23 1.30
C ALA A 85 -19.90 -3.24 -0.19
N MET A 86 -19.45 -4.37 -0.73
CA MET A 86 -19.13 -4.38 -2.15
C MET A 86 -20.33 -4.08 -3.03
N GLU A 87 -21.52 -4.25 -2.48
CA GLU A 87 -22.76 -3.97 -3.21
C GLU A 87 -22.82 -2.47 -3.51
N LYS A 88 -22.27 -1.68 -2.59
CA LYS A 88 -22.28 -0.23 -2.70
C LYS A 88 -21.04 0.32 -3.38
N GLY A 89 -20.21 -0.57 -3.92
CA GLY A 89 -19.00 -0.12 -4.59
C GLY A 89 -17.76 -0.45 -3.79
N THR A 90 -16.78 -1.04 -4.46
CA THR A 90 -15.54 -1.44 -3.81
C THR A 90 -14.61 -0.29 -3.45
N SER A 91 -14.85 0.89 -4.02
CA SER A 91 -14.01 2.05 -3.76
C SER A 91 -14.71 3.35 -4.17
N PHE A 92 -14.52 4.40 -3.38
CA PHE A 92 -15.17 5.69 -3.67
C PHE A 92 -14.21 6.80 -4.11
N GLY A 93 -13.02 6.84 -3.52
CA GLY A 93 -12.06 7.88 -3.86
C GLY A 93 -12.55 9.20 -3.26
N ALA A 94 -13.47 9.08 -2.32
CA ALA A 94 -14.04 10.23 -1.63
C ALA A 94 -14.41 9.77 -0.23
N PRO A 95 -14.73 10.71 0.66
CA PRO A 95 -15.10 10.35 2.04
C PRO A 95 -16.31 9.42 2.09
N CYS A 96 -16.30 8.53 3.07
CA CYS A 96 -17.43 7.64 3.29
C CYS A 96 -17.54 7.52 4.81
N ALA A 97 -18.75 7.33 5.30
CA ALA A 97 -19.00 7.23 6.73
C ALA A 97 -18.22 6.13 7.43
N LEU A 98 -17.85 5.08 6.69
CA LEU A 98 -17.12 3.97 7.28
C LEU A 98 -15.73 4.37 7.76
N GLU A 99 -15.16 5.40 7.14
CA GLU A 99 -13.85 5.85 7.55
C GLU A 99 -13.94 6.47 8.94
N ASN A 100 -14.99 7.28 9.15
CA ASN A 100 -15.20 7.90 10.45
C ASN A 100 -15.36 6.82 11.50
N VAL A 101 -16.17 5.81 11.19
CA VAL A 101 -16.43 4.74 12.13
C VAL A 101 -15.17 4.00 12.55
N LEU A 102 -14.37 3.54 11.59
CA LEU A 102 -13.15 2.82 11.93
C LEU A 102 -12.22 3.76 12.68
N ALA A 103 -12.11 4.99 12.20
CA ALA A 103 -11.24 5.98 12.82
C ALA A 103 -11.61 6.11 14.31
N GLU A 104 -12.89 6.29 14.60
CA GLU A 104 -13.35 6.41 15.97
C GLU A 104 -12.97 5.18 16.78
N MET A 105 -13.21 4.01 16.21
CA MET A 105 -12.90 2.76 16.88
C MET A 105 -11.42 2.67 17.19
N VAL A 106 -10.60 3.05 16.21
CA VAL A 106 -9.16 3.02 16.37
C VAL A 106 -8.74 4.01 17.45
N ASN A 107 -9.31 5.21 17.42
CA ASN A 107 -9.00 6.22 18.41
C ASN A 107 -9.39 5.75 19.81
N ASP A 108 -10.64 5.32 19.98
CA ASP A 108 -11.07 4.86 21.28
C ASP A 108 -10.28 3.64 21.76
N ALA A 109 -9.79 2.83 20.82
CA ALA A 109 -9.07 1.61 21.17
C ALA A 109 -7.61 1.75 21.62
N VAL A 110 -6.79 2.47 20.86
CA VAL A 110 -5.40 2.59 21.23
C VAL A 110 -5.05 3.94 21.86
N PRO A 111 -4.51 3.91 23.08
CA PRO A 111 -4.11 5.06 23.90
C PRO A 111 -3.56 6.27 23.15
N SER A 112 -2.40 6.13 22.53
CA SER A 112 -1.75 7.23 21.83
C SER A 112 -2.45 7.83 20.60
N ILE A 113 -3.40 7.10 20.02
CA ILE A 113 -4.06 7.58 18.82
C ILE A 113 -5.27 8.50 19.08
N GLU A 114 -5.13 9.77 18.72
CA GLU A 114 -6.20 10.74 18.91
C GLU A 114 -6.73 11.15 17.54
N MET A 115 -6.00 10.76 16.51
CA MET A 115 -6.34 11.06 15.13
C MET A 115 -5.56 10.06 14.30
N VAL A 116 -6.14 9.58 13.21
CA VAL A 116 -5.50 8.60 12.34
C VAL A 116 -5.71 8.83 10.86
N ARG A 117 -4.74 8.36 10.09
CA ARG A 117 -4.77 8.44 8.64
C ARG A 117 -4.63 6.99 8.18
N PHE A 118 -5.62 6.51 7.45
CA PHE A 118 -5.59 5.16 6.92
C PHE A 118 -4.76 5.14 5.65
N VAL A 119 -4.04 4.04 5.44
CA VAL A 119 -3.24 3.86 4.24
C VAL A 119 -3.50 2.46 3.70
N ASN A 120 -2.63 1.94 2.85
CA ASN A 120 -2.88 0.63 2.27
C ASN A 120 -1.91 -0.50 2.59
N SER A 121 -1.03 -0.29 3.55
CA SER A 121 -0.06 -1.32 3.92
C SER A 121 0.77 -0.87 5.12
N GLY A 122 1.49 -1.81 5.71
CA GLY A 122 2.34 -1.48 6.83
C GLY A 122 3.47 -0.60 6.32
N THR A 123 3.95 -0.92 5.12
CA THR A 123 5.03 -0.16 4.51
C THR A 123 4.65 1.31 4.35
N GLU A 124 3.44 1.56 3.85
CA GLU A 124 2.99 2.94 3.67
C GLU A 124 2.83 3.64 5.03
N ALA A 125 2.30 2.91 6.00
CA ALA A 125 2.10 3.47 7.33
C ALA A 125 3.41 3.91 7.95
N CYS A 126 4.40 3.02 7.91
CA CYS A 126 5.70 3.31 8.49
C CYS A 126 6.47 4.40 7.76
N MET A 127 6.42 4.42 6.43
CA MET A 127 7.15 5.44 5.72
C MET A 127 6.52 6.80 6.00
N ALA A 128 5.20 6.84 6.17
CA ALA A 128 4.52 8.10 6.46
C ALA A 128 4.80 8.53 7.89
N VAL A 129 4.74 7.57 8.82
CA VAL A 129 4.99 7.91 10.22
C VAL A 129 6.43 8.39 10.38
N LEU A 130 7.32 7.86 9.57
CA LEU A 130 8.72 8.25 9.62
C LEU A 130 8.83 9.69 9.14
N ARG A 131 8.14 9.99 8.05
CA ARG A 131 8.16 11.35 7.51
C ARG A 131 7.55 12.34 8.48
N ILE A 132 6.52 11.91 9.22
CA ILE A 132 5.86 12.79 10.16
C ILE A 132 6.76 13.08 11.38
N MET A 133 7.54 12.10 11.79
CA MET A 133 8.43 12.28 12.93
C MET A 133 9.46 13.34 12.58
N ARG A 134 9.99 13.26 11.36
CA ARG A 134 10.98 14.22 10.92
C ARG A 134 10.34 15.59 10.65
N ALA A 135 9.10 15.59 10.19
CA ALA A 135 8.42 16.85 9.90
C ALA A 135 8.05 17.59 11.20
N TYR A 136 7.57 16.83 12.17
CA TYR A 136 7.17 17.41 13.45
C TYR A 136 8.35 17.96 14.26
N THR A 137 9.49 17.28 14.20
CA THR A 137 10.68 17.66 14.95
C THR A 137 11.68 18.47 14.16
N GLY A 138 11.61 18.40 12.84
CA GLY A 138 12.56 19.11 12.02
C GLY A 138 13.91 18.41 12.01
N ARG A 139 13.96 17.21 12.58
CA ARG A 139 15.20 16.43 12.64
C ARG A 139 15.17 15.30 11.60
N ASP A 140 16.33 14.93 11.08
CA ASP A 140 16.39 13.89 10.06
C ASP A 140 16.72 12.48 10.52
N LYS A 141 17.44 12.35 11.63
CA LYS A 141 17.83 11.02 12.11
C LYS A 141 16.76 10.23 12.83
N ILE A 142 16.68 8.95 12.47
CA ILE A 142 15.72 8.02 13.04
C ILE A 142 16.45 6.85 13.69
N ILE A 143 15.89 6.35 14.79
CA ILE A 143 16.48 5.21 15.48
C ILE A 143 15.56 3.99 15.35
N LYS A 144 16.06 2.93 14.72
CA LYS A 144 15.28 1.71 14.59
C LYS A 144 16.11 0.63 15.25
N PHE A 145 15.48 -0.51 15.53
CA PHE A 145 16.18 -1.60 16.18
C PHE A 145 16.45 -2.75 15.23
N GLU A 146 17.64 -3.33 15.35
CA GLU A 146 18.00 -4.46 14.51
C GLU A 146 17.02 -5.59 14.81
N GLY A 147 16.47 -6.18 13.76
CA GLY A 147 15.52 -7.26 13.97
C GLY A 147 14.09 -6.80 13.76
N CYS A 148 13.86 -5.50 13.83
CA CYS A 148 12.52 -4.95 13.62
C CYS A 148 12.36 -4.64 12.14
N TYR A 149 11.14 -4.79 11.64
CA TYR A 149 10.83 -4.53 10.25
C TYR A 149 9.68 -3.50 10.20
N HIS A 150 9.81 -2.51 9.34
CA HIS A 150 8.79 -1.47 9.21
C HIS A 150 8.45 -1.21 7.76
N GLY A 151 8.46 -2.27 6.97
CA GLY A 151 8.17 -2.11 5.55
C GLY A 151 9.44 -1.95 4.76
N HIS A 152 9.31 -1.76 3.44
CA HIS A 152 10.48 -1.65 2.60
C HIS A 152 10.84 -0.26 2.11
N ALA A 153 10.39 0.78 2.80
CA ALA A 153 10.76 2.15 2.39
C ALA A 153 12.29 2.17 2.48
N ASP A 154 12.92 2.89 1.56
CA ASP A 154 14.37 2.98 1.51
C ASP A 154 15.06 3.21 2.86
N MET A 155 14.56 4.18 3.64
CA MET A 155 15.15 4.48 4.95
C MET A 155 15.39 3.24 5.80
N PHE A 156 14.46 2.30 5.76
CA PHE A 156 14.56 1.10 6.58
C PHE A 156 15.48 0.03 6.03
N LEU A 157 15.78 0.08 4.75
CA LEU A 157 16.66 -0.90 4.11
C LEU A 157 18.12 -0.61 4.40
N VAL A 158 18.47 -0.68 5.68
CA VAL A 158 19.83 -0.39 6.13
C VAL A 158 20.48 -1.58 6.84
N LYS A 159 21.78 -1.75 6.67
CA LYS A 159 22.49 -2.83 7.33
C LYS A 159 22.53 -2.54 8.82
N ALA A 160 22.37 -3.57 9.63
CA ALA A 160 22.38 -3.41 11.07
C ALA A 160 23.36 -4.40 11.69
N GLY A 161 23.64 -4.22 12.98
CA GLY A 161 24.57 -5.09 13.66
C GLY A 161 25.77 -4.30 14.16
N SER A 162 26.51 -4.87 15.09
CA SER A 162 27.68 -4.22 15.66
C SER A 162 28.65 -3.82 14.56
N GLY A 163 29.12 -2.58 14.61
CA GLY A 163 30.06 -2.12 13.60
C GLY A 163 29.47 -1.25 12.50
N VAL A 164 28.16 -1.31 12.29
CA VAL A 164 27.54 -0.50 11.25
C VAL A 164 26.27 0.22 11.73
N ALA A 165 26.07 0.21 13.04
CA ALA A 165 24.90 0.83 13.67
C ALA A 165 24.66 2.27 13.25
N THR A 166 25.74 3.00 12.97
CA THR A 166 25.64 4.41 12.58
C THR A 166 26.12 4.65 11.15
N LEU A 167 26.61 3.60 10.48
CA LEU A 167 27.12 3.74 9.13
C LEU A 167 26.08 4.02 8.04
N GLY A 168 24.80 3.77 8.35
CA GLY A 168 23.75 4.01 7.38
C GLY A 168 24.01 3.38 6.02
N LEU A 169 24.59 2.19 6.01
CA LEU A 169 24.88 1.48 4.77
C LEU A 169 23.63 0.80 4.24
N PRO A 170 23.29 1.04 2.97
CA PRO A 170 22.10 0.39 2.42
C PRO A 170 22.30 -1.12 2.40
N SER A 171 21.28 -1.86 2.81
CA SER A 171 21.36 -3.33 2.84
C SER A 171 20.67 -3.92 1.62
N SER A 172 20.57 -3.12 0.56
CA SER A 172 19.93 -3.57 -0.67
C SER A 172 20.34 -2.70 -1.84
N PRO A 173 20.59 -3.32 -3.00
CA PRO A 173 20.97 -2.47 -4.14
C PRO A 173 19.74 -1.63 -4.53
N GLY A 174 19.97 -0.52 -5.22
CA GLY A 174 18.86 0.32 -5.64
C GLY A 174 18.49 1.40 -4.63
N VAL A 175 19.15 1.41 -3.47
CA VAL A 175 18.87 2.41 -2.47
C VAL A 175 20.12 3.22 -2.17
N PRO A 176 20.08 4.53 -2.48
CA PRO A 176 21.21 5.44 -2.25
C PRO A 176 21.66 5.49 -0.81
N LYS A 177 22.97 5.67 -0.59
CA LYS A 177 23.47 5.78 0.77
C LYS A 177 22.88 7.05 1.35
N LYS A 178 22.57 8.00 0.47
CA LYS A 178 21.96 9.27 0.86
C LYS A 178 20.76 9.01 1.75
N THR A 179 19.84 8.18 1.28
CA THR A 179 18.62 7.89 2.01
C THR A 179 18.79 7.10 3.30
N THR A 180 19.76 6.20 3.36
CA THR A 180 19.96 5.42 4.58
C THR A 180 20.89 6.12 5.54
N ALA A 181 21.53 7.19 5.08
CA ALA A 181 22.47 7.95 5.90
C ALA A 181 21.86 8.52 7.16
N ASN A 182 20.53 8.60 7.23
CA ASN A 182 19.89 9.15 8.41
C ASN A 182 19.15 8.12 9.25
N THR A 183 19.47 6.85 9.03
CA THR A 183 18.83 5.80 9.80
C THR A 183 19.85 5.15 10.72
N LEU A 184 19.60 5.27 12.01
CA LEU A 184 20.49 4.72 13.03
C LEU A 184 19.84 3.47 13.62
N THR A 185 20.64 2.44 13.89
CA THR A 185 20.10 1.23 14.48
C THR A 185 20.72 0.93 15.81
N THR A 186 20.00 0.16 16.62
CA THR A 186 20.45 -0.22 17.94
C THR A 186 19.87 -1.59 18.26
N PRO A 187 20.51 -2.33 19.19
CA PRO A 187 20.03 -3.66 19.55
C PRO A 187 18.70 -3.54 20.28
N TYR A 188 17.76 -4.41 19.98
CA TYR A 188 16.47 -4.36 20.67
C TYR A 188 16.76 -4.62 22.16
N ASN A 189 15.89 -4.11 23.04
CA ASN A 189 16.10 -4.32 24.46
C ASN A 189 17.42 -3.76 24.99
N ASP A 190 17.95 -2.73 24.32
CA ASP A 190 19.21 -2.13 24.74
C ASP A 190 19.05 -0.62 24.92
N LEU A 191 18.63 -0.21 26.12
CA LEU A 191 18.43 1.21 26.42
C LEU A 191 19.69 2.05 26.31
N GLU A 192 20.80 1.56 26.83
CA GLU A 192 22.05 2.30 26.79
C GLU A 192 22.48 2.54 25.35
N ALA A 193 22.13 1.59 24.48
CA ALA A 193 22.47 1.70 23.07
C ALA A 193 21.74 2.89 22.46
N VAL A 194 20.50 3.11 22.91
CA VAL A 194 19.73 4.23 22.39
C VAL A 194 20.21 5.55 22.96
N LYS A 195 20.51 5.57 24.26
CA LYS A 195 21.00 6.78 24.89
C LYS A 195 22.25 7.21 24.15
N ALA A 196 23.05 6.22 23.76
CA ALA A 196 24.28 6.47 23.03
C ALA A 196 23.98 7.18 21.72
N LEU A 197 23.03 6.66 20.95
CA LEU A 197 22.68 7.27 19.68
C LEU A 197 22.25 8.72 19.85
N PHE A 198 21.49 9.02 20.91
CA PHE A 198 21.08 10.40 21.13
C PHE A 198 22.29 11.27 21.39
N ALA A 199 23.06 10.91 22.41
CA ALA A 199 24.26 11.65 22.78
C ALA A 199 25.18 11.90 21.59
N GLU A 200 25.32 10.91 20.72
CA GLU A 200 26.18 11.04 19.55
C GLU A 200 25.57 11.94 18.48
N ASN A 201 24.29 12.27 18.64
CA ASN A 201 23.60 13.11 17.67
C ASN A 201 22.65 14.08 18.37
N PRO A 202 23.20 14.96 19.22
CA PRO A 202 22.34 15.92 19.92
C PRO A 202 21.56 16.79 18.93
N GLY A 203 20.28 16.98 19.20
CA GLY A 203 19.45 17.80 18.33
C GLY A 203 19.20 17.25 16.94
N GLU A 204 19.54 15.98 16.70
CA GLU A 204 19.33 15.40 15.38
C GLU A 204 18.39 14.20 15.32
N ILE A 205 18.09 13.61 16.47
CA ILE A 205 17.22 12.44 16.52
C ILE A 205 15.75 12.83 16.53
N ALA A 206 15.08 12.56 15.42
CA ALA A 206 13.65 12.88 15.30
C ALA A 206 12.86 11.97 16.22
N GLY A 207 13.32 10.74 16.38
CA GLY A 207 12.60 9.82 17.25
C GLY A 207 13.00 8.37 17.11
N VAL A 208 12.37 7.55 17.92
CA VAL A 208 12.63 6.12 17.96
C VAL A 208 11.38 5.35 17.50
N ILE A 209 11.56 4.41 16.59
CA ILE A 209 10.45 3.59 16.12
C ILE A 209 10.79 2.14 16.44
N LEU A 210 9.79 1.35 16.79
CA LEU A 210 10.02 -0.05 17.11
C LEU A 210 8.74 -0.85 17.24
N GLU A 211 8.88 -2.15 17.15
CA GLU A 211 7.75 -3.06 17.34
C GLU A 211 7.75 -3.18 18.86
N PRO A 212 6.71 -2.65 19.54
CA PRO A 212 6.67 -2.74 21.01
C PRO A 212 6.87 -4.18 21.51
N ILE A 213 6.57 -5.14 20.64
CA ILE A 213 6.79 -6.56 20.89
C ILE A 213 7.18 -7.01 19.52
N VAL A 214 8.34 -7.63 19.39
CA VAL A 214 8.86 -8.04 18.10
C VAL A 214 8.25 -9.30 17.50
N GLY A 215 8.08 -9.27 16.19
CA GLY A 215 7.54 -10.42 15.49
C GLY A 215 8.35 -10.69 14.23
N ASN A 216 9.20 -9.75 13.85
CA ASN A 216 9.99 -9.91 12.64
C ASN A 216 11.40 -10.44 12.79
N SER A 217 11.75 -10.89 13.99
CA SER A 217 13.06 -11.48 14.24
C SER A 217 12.70 -12.62 15.17
N GLY A 218 11.54 -13.20 14.90
CA GLY A 218 11.02 -14.24 15.76
C GLY A 218 10.24 -13.43 16.78
N PHE A 219 9.65 -14.10 17.77
CA PHE A 219 8.89 -13.42 18.79
C PHE A 219 9.84 -12.93 19.88
N ILE A 220 9.89 -11.62 20.10
CA ILE A 220 10.76 -11.07 21.13
C ILE A 220 10.03 -10.02 21.96
N VAL A 221 9.92 -10.30 23.25
CA VAL A 221 9.22 -9.40 24.16
C VAL A 221 10.22 -8.41 24.77
N PRO A 222 9.77 -7.17 25.03
CA PRO A 222 10.64 -6.16 25.62
C PRO A 222 10.97 -6.48 27.07
N ASP A 223 12.23 -6.34 27.45
CA ASP A 223 12.62 -6.60 28.83
C ASP A 223 11.96 -5.55 29.70
N ALA A 224 11.68 -5.89 30.94
CA ALA A 224 11.04 -4.95 31.85
C ALA A 224 11.79 -3.62 31.84
N GLY A 225 11.05 -2.53 31.70
CA GLY A 225 11.65 -1.21 31.69
C GLY A 225 12.15 -0.71 30.34
N PHE A 226 12.16 -1.57 29.33
CA PHE A 226 12.62 -1.17 28.01
C PHE A 226 11.71 -0.11 27.39
N LEU A 227 10.43 -0.41 27.28
CA LEU A 227 9.49 0.54 26.69
C LEU A 227 9.40 1.81 27.54
N GLU A 228 9.52 1.66 28.85
CA GLU A 228 9.48 2.81 29.74
C GLU A 228 10.70 3.66 29.47
N GLY A 229 11.86 3.01 29.35
CA GLY A 229 13.10 3.71 29.08
C GLY A 229 13.09 4.48 27.79
N LEU A 230 12.61 3.86 26.72
CA LEU A 230 12.54 4.52 25.43
C LEU A 230 11.62 5.73 25.55
N ARG A 231 10.58 5.60 26.36
CA ARG A 231 9.65 6.70 26.56
C ARG A 231 10.33 7.87 27.28
N GLU A 232 11.11 7.54 28.32
CA GLU A 232 11.82 8.57 29.07
C GLU A 232 12.83 9.29 28.18
N ILE A 233 13.67 8.52 27.52
CA ILE A 233 14.71 9.07 26.66
C ILE A 233 14.20 9.96 25.53
N THR A 234 13.07 9.59 24.93
CA THR A 234 12.55 10.42 23.83
C THR A 234 11.98 11.72 24.38
N LEU A 235 11.27 11.65 25.51
CA LEU A 235 10.71 12.84 26.12
C LEU A 235 11.83 13.79 26.54
N GLU A 236 12.93 13.24 27.05
CA GLU A 236 14.07 14.03 27.49
C GLU A 236 14.73 14.81 26.34
N HIS A 237 14.63 14.30 25.12
CA HIS A 237 15.24 14.98 23.98
C HIS A 237 14.22 15.55 23.02
N ASP A 238 12.98 15.69 23.48
CA ASP A 238 11.92 16.20 22.63
C ASP A 238 11.85 15.42 21.33
N ALA A 239 12.12 14.11 21.44
CA ALA A 239 12.08 13.24 20.27
C ALA A 239 10.79 12.43 20.38
N LEU A 240 10.36 11.86 19.27
CA LEU A 240 9.13 11.08 19.25
C LEU A 240 9.34 9.59 19.43
N LEU A 241 8.41 8.97 20.16
CA LEU A 241 8.45 7.54 20.37
C LEU A 241 7.35 6.99 19.47
N VAL A 242 7.70 6.05 18.60
CA VAL A 242 6.73 5.48 17.69
C VAL A 242 6.68 3.96 17.79
N PHE A 243 5.51 3.45 18.10
CA PHE A 243 5.31 2.02 18.20
C PHE A 243 4.74 1.52 16.89
N ASP A 244 5.43 0.57 16.27
CA ASP A 244 4.92 -0.01 15.05
C ASP A 244 4.06 -1.16 15.52
N GLU A 245 2.75 -0.94 15.60
CA GLU A 245 1.83 -1.99 16.05
C GLU A 245 1.01 -2.56 14.88
N VAL A 246 1.66 -2.70 13.74
CA VAL A 246 1.04 -3.27 12.54
C VAL A 246 0.67 -4.72 12.82
N MET A 247 1.57 -5.42 13.50
CA MET A 247 1.41 -6.82 13.85
C MET A 247 0.77 -7.01 15.24
N THR A 248 1.23 -6.24 16.22
CA THR A 248 0.71 -6.34 17.58
C THR A 248 -0.62 -5.64 17.81
N GLY A 249 -0.89 -4.61 17.01
CA GLY A 249 -2.14 -3.89 17.15
C GLY A 249 -3.35 -4.81 17.16
N PHE A 250 -4.20 -4.62 18.16
CA PHE A 250 -5.42 -5.41 18.33
C PHE A 250 -5.20 -6.92 18.49
N ARG A 251 -3.95 -7.34 18.55
CA ARG A 251 -3.66 -8.75 18.74
C ARG A 251 -3.14 -8.99 20.16
N ILE A 252 -2.13 -8.23 20.56
CA ILE A 252 -1.59 -8.38 21.91
C ILE A 252 -2.67 -7.99 22.91
N ALA A 253 -3.46 -6.98 22.54
CA ALA A 253 -4.54 -6.49 23.37
C ALA A 253 -5.38 -5.63 22.45
N TYR A 254 -6.61 -5.33 22.86
CA TYR A 254 -7.48 -4.50 22.04
C TYR A 254 -6.77 -3.15 21.82
N GLY A 255 -6.06 -2.69 22.85
CA GLY A 255 -5.32 -1.44 22.76
C GLY A 255 -3.86 -1.61 22.40
N GLY A 256 -3.50 -2.78 21.89
CA GLY A 256 -2.13 -3.04 21.50
C GLY A 256 -1.18 -3.17 22.68
N VAL A 257 0.12 -3.24 22.40
CA VAL A 257 1.10 -3.35 23.46
C VAL A 257 1.08 -2.12 24.36
N GLN A 258 0.92 -0.94 23.75
CA GLN A 258 0.90 0.29 24.55
C GLN A 258 -0.15 0.24 25.65
N GLU A 259 -1.31 -0.34 25.36
CA GLU A 259 -2.35 -0.44 26.39
C GLU A 259 -1.97 -1.51 27.41
N LYS A 260 -1.60 -2.68 26.93
CA LYS A 260 -1.26 -3.79 27.82
C LYS A 260 -0.08 -3.50 28.75
N PHE A 261 0.95 -2.86 28.23
CA PHE A 261 2.13 -2.57 29.03
C PHE A 261 2.15 -1.18 29.66
N GLY A 262 1.11 -0.39 29.38
CA GLY A 262 1.01 0.94 29.95
C GLY A 262 2.02 1.99 29.53
N VAL A 263 2.56 1.87 28.33
CA VAL A 263 3.51 2.86 27.83
C VAL A 263 2.89 3.48 26.57
N THR A 264 2.65 4.79 26.62
CA THR A 264 2.03 5.49 25.51
C THR A 264 3.00 6.25 24.61
N PRO A 265 3.11 5.82 23.34
CA PRO A 265 4.00 6.48 22.39
C PRO A 265 3.34 7.75 21.86
N ASP A 266 4.00 8.44 20.94
CA ASP A 266 3.43 9.66 20.38
C ASP A 266 2.73 9.36 19.08
N LEU A 267 3.19 8.30 18.42
CA LEU A 267 2.63 7.87 17.15
C LEU A 267 2.71 6.36 17.07
N THR A 268 1.75 5.74 16.40
CA THR A 268 1.79 4.30 16.22
C THR A 268 1.27 3.96 14.85
N THR A 269 1.76 2.85 14.30
CA THR A 269 1.29 2.40 13.00
C THR A 269 0.45 1.16 13.27
N LEU A 270 -0.58 1.00 12.45
CA LEU A 270 -1.50 -0.12 12.57
C LEU A 270 -1.64 -0.76 11.20
N GLY A 271 -2.26 -1.93 11.19
CA GLY A 271 -2.45 -2.64 9.94
C GLY A 271 -3.06 -3.99 10.21
N LYS A 272 -2.90 -4.89 9.24
CA LYS A 272 -3.41 -6.25 9.33
C LYS A 272 -4.84 -6.35 9.85
N ILE A 273 -4.99 -6.56 11.15
CA ILE A 273 -6.32 -6.71 11.73
C ILE A 273 -7.32 -5.62 11.34
N ILE A 274 -6.90 -4.35 11.35
CA ILE A 274 -7.84 -3.28 11.02
C ILE A 274 -8.34 -3.29 9.58
N GLY A 275 -7.95 -4.31 8.82
CA GLY A 275 -8.38 -4.42 7.44
C GLY A 275 -9.18 -5.68 7.14
N GLY A 276 -9.24 -6.58 8.11
CA GLY A 276 -9.98 -7.83 7.93
C GLY A 276 -9.54 -8.65 6.73
N GLY A 277 -8.26 -8.56 6.38
CA GLY A 277 -7.76 -9.32 5.26
C GLY A 277 -7.43 -8.48 4.05
N LEU A 278 -8.04 -7.31 3.96
CA LEU A 278 -7.78 -6.42 2.83
C LEU A 278 -6.54 -5.58 3.07
N PRO A 279 -5.87 -5.17 1.98
CA PRO A 279 -4.67 -4.35 2.18
C PRO A 279 -5.08 -3.10 2.96
N VAL A 280 -4.42 -2.86 4.06
CA VAL A 280 -4.73 -1.70 4.88
C VAL A 280 -3.50 -1.32 5.69
N GLY A 281 -3.62 -0.19 6.36
CA GLY A 281 -2.54 0.32 7.19
C GLY A 281 -3.08 1.61 7.75
N ALA A 282 -2.44 2.10 8.81
CA ALA A 282 -2.87 3.35 9.41
C ALA A 282 -1.73 3.86 10.27
N TYR A 283 -1.62 5.17 10.37
CA TYR A 283 -0.62 5.75 11.23
C TYR A 283 -1.35 6.88 11.93
N GLY A 284 -1.32 6.84 13.25
CA GLY A 284 -2.00 7.85 14.03
C GLY A 284 -1.16 8.17 15.25
N GLY A 285 -1.70 9.05 16.10
CA GLY A 285 -1.00 9.44 17.30
C GLY A 285 -1.61 10.72 17.82
N LYS A 286 -0.86 11.44 18.64
CA LYS A 286 -1.33 12.69 19.22
C LYS A 286 -1.86 13.67 18.18
N ARG A 287 -2.92 14.38 18.56
CA ARG A 287 -3.58 15.37 17.73
C ARG A 287 -2.59 16.39 17.14
N GLU A 288 -1.79 16.99 18.02
CA GLU A 288 -0.81 18.00 17.63
C GLU A 288 0.22 17.51 16.60
N ILE A 289 0.48 16.21 16.56
CA ILE A 289 1.44 15.71 15.59
C ILE A 289 0.74 15.39 14.26
N MET A 290 -0.41 14.72 14.36
CA MET A 290 -1.18 14.32 13.20
C MET A 290 -1.70 15.50 12.39
N GLN A 291 -1.81 16.66 13.03
CA GLN A 291 -2.28 17.85 12.34
C GLN A 291 -1.31 18.32 11.25
N LEU A 292 -0.10 17.79 11.26
CA LEU A 292 0.88 18.16 10.25
C LEU A 292 0.63 17.41 8.94
N VAL A 293 -0.13 16.32 9.01
CA VAL A 293 -0.42 15.51 7.83
C VAL A 293 -1.44 16.20 6.92
N ALA A 294 -1.10 16.32 5.64
CA ALA A 294 -1.99 16.95 4.66
C ALA A 294 -3.34 16.21 4.60
N PRO A 295 -4.42 16.94 4.29
CA PRO A 295 -4.47 18.36 3.97
C PRO A 295 -4.61 19.29 5.18
N ALA A 296 -4.38 18.76 6.37
CA ALA A 296 -4.47 19.59 7.57
C ALA A 296 -3.15 20.31 7.77
N GLY A 297 -2.06 19.63 7.41
CA GLY A 297 -0.75 20.23 7.57
C GLY A 297 0.09 20.18 6.31
N PRO A 298 1.36 20.57 6.39
CA PRO A 298 2.29 20.58 5.25
C PRO A 298 2.95 19.25 4.88
N MET A 299 2.96 18.27 5.79
CA MET A 299 3.60 16.99 5.47
C MET A 299 2.75 16.24 4.46
N TYR A 300 3.31 16.03 3.27
CA TYR A 300 2.56 15.34 2.24
C TYR A 300 2.50 13.84 2.38
N GLN A 301 1.31 13.31 2.14
CA GLN A 301 1.03 11.88 2.19
C GLN A 301 -0.36 11.70 1.60
N ALA A 302 -0.43 10.88 0.55
CA ALA A 302 -1.70 10.61 -0.12
C ALA A 302 -1.85 9.12 -0.40
N GLY A 303 -3.08 8.68 -0.59
CA GLY A 303 -3.37 7.29 -0.88
C GLY A 303 -4.70 7.24 -1.60
N THR A 304 -4.63 7.15 -2.92
CA THR A 304 -5.82 7.13 -3.75
C THR A 304 -6.93 6.21 -3.29
N LEU A 305 -6.60 4.96 -3.01
CA LEU A 305 -7.60 4.01 -2.56
C LEU A 305 -7.62 3.80 -1.05
N SER A 306 -6.95 4.69 -0.32
CA SER A 306 -6.92 4.62 1.14
C SER A 306 -8.33 4.87 1.69
N GLY A 307 -8.63 4.26 2.83
CA GLY A 307 -9.95 4.44 3.42
C GLY A 307 -10.98 3.66 2.60
N ASN A 308 -10.48 2.69 1.85
CA ASN A 308 -11.33 1.81 1.03
C ASN A 308 -12.49 1.30 1.88
N PRO A 309 -13.73 1.41 1.38
CA PRO A 309 -14.91 0.94 2.13
C PRO A 309 -14.90 -0.54 2.49
N LEU A 310 -14.32 -1.37 1.64
CA LEU A 310 -14.27 -2.79 1.92
C LEU A 310 -13.32 -3.03 3.09
N ALA A 311 -12.16 -2.38 3.02
CA ALA A 311 -11.16 -2.49 4.08
C ALA A 311 -11.71 -1.96 5.39
N MET A 312 -12.41 -0.84 5.33
CA MET A 312 -12.99 -0.24 6.52
C MET A 312 -14.04 -1.16 7.14
N THR A 313 -14.90 -1.71 6.29
CA THR A 313 -15.96 -2.62 6.72
C THR A 313 -15.39 -3.85 7.42
N ALA A 314 -14.41 -4.48 6.78
CA ALA A 314 -13.81 -5.66 7.35
C ALA A 314 -13.09 -5.31 8.65
N GLY A 315 -12.41 -4.18 8.67
CA GLY A 315 -11.72 -3.76 9.89
C GLY A 315 -12.69 -3.55 11.03
N ILE A 316 -13.76 -2.81 10.76
CA ILE A 316 -14.78 -2.52 11.75
C ILE A 316 -15.40 -3.79 12.32
N LYS A 317 -15.83 -4.69 11.44
CA LYS A 317 -16.43 -5.94 11.86
C LYS A 317 -15.48 -6.77 12.71
N THR A 318 -14.21 -6.76 12.31
CA THR A 318 -13.19 -7.52 13.02
C THR A 318 -12.99 -6.97 14.43
N LEU A 319 -12.99 -5.65 14.57
CA LEU A 319 -12.82 -5.01 15.87
C LEU A 319 -14.05 -5.23 16.75
N GLU A 320 -15.23 -5.22 16.13
CA GLU A 320 -16.47 -5.46 16.87
C GLU A 320 -16.42 -6.85 17.47
N LEU A 321 -15.91 -7.80 16.69
CA LEU A 321 -15.79 -9.18 17.14
C LEU A 321 -14.79 -9.24 18.29
N LEU A 322 -13.67 -8.54 18.16
CA LEU A 322 -12.65 -8.53 19.19
C LEU A 322 -13.19 -7.92 20.48
N ARG A 323 -14.18 -7.05 20.33
CA ARG A 323 -14.79 -6.39 21.47
C ARG A 323 -15.61 -7.33 22.34
N GLN A 324 -16.03 -8.47 21.78
CA GLN A 324 -16.81 -9.44 22.54
C GLN A 324 -16.04 -9.96 23.76
N PRO A 325 -16.76 -10.33 24.83
CA PRO A 325 -16.20 -10.83 26.09
C PRO A 325 -15.34 -12.09 25.96
N GLY A 326 -14.27 -12.14 26.76
CA GLY A 326 -13.38 -13.28 26.78
C GLY A 326 -12.51 -13.45 25.55
N THR A 327 -12.53 -12.45 24.67
CA THR A 327 -11.75 -12.51 23.44
C THR A 327 -10.26 -12.73 23.65
N TYR A 328 -9.58 -11.77 24.27
CA TYR A 328 -8.16 -11.90 24.48
C TYR A 328 -7.80 -12.91 25.56
N GLU A 329 -8.72 -13.20 26.46
CA GLU A 329 -8.45 -14.19 27.50
C GLU A 329 -8.30 -15.53 26.81
N TYR A 330 -9.15 -15.78 25.81
CA TYR A 330 -9.09 -17.03 25.06
C TYR A 330 -7.78 -17.14 24.31
N LEU A 331 -7.46 -16.12 23.52
CA LEU A 331 -6.21 -16.13 22.75
C LEU A 331 -5.04 -16.44 23.66
N ASP A 332 -5.02 -15.82 24.83
CA ASP A 332 -3.93 -16.04 25.77
C ASP A 332 -3.91 -17.50 26.23
N GLN A 333 -5.07 -18.01 26.62
CA GLN A 333 -5.17 -19.38 27.10
C GLN A 333 -4.63 -20.39 26.08
N ILE A 334 -5.27 -20.47 24.92
CA ILE A 334 -4.85 -21.42 23.90
C ILE A 334 -3.41 -21.24 23.46
N THR A 335 -2.97 -19.99 23.34
CA THR A 335 -1.60 -19.72 22.91
C THR A 335 -0.56 -20.09 23.96
N LYS A 336 -0.85 -19.85 25.23
CA LYS A 336 0.09 -20.22 26.28
C LYS A 336 0.23 -21.74 26.23
N ARG A 337 -0.91 -22.40 26.07
CA ARG A 337 -0.95 -23.85 26.02
C ARG A 337 -0.07 -24.33 24.86
N LEU A 338 -0.21 -23.68 23.71
CA LEU A 338 0.56 -24.05 22.54
C LEU A 338 2.04 -23.84 22.81
N SER A 339 2.38 -22.63 23.24
CA SER A 339 3.76 -22.26 23.51
C SER A 339 4.44 -23.15 24.56
N ASP A 340 3.77 -23.36 25.70
CA ASP A 340 4.36 -24.21 26.74
C ASP A 340 4.51 -25.63 26.19
N GLY A 341 3.55 -26.03 25.36
CA GLY A 341 3.57 -27.36 24.77
C GLY A 341 4.79 -27.57 23.91
N LEU A 342 5.04 -26.64 22.99
CA LEU A 342 6.18 -26.71 22.08
C LEU A 342 7.49 -26.77 22.84
N LEU A 343 7.63 -25.93 23.86
CA LEU A 343 8.84 -25.89 24.67
C LEU A 343 9.00 -27.16 25.51
N ALA A 344 7.89 -27.68 26.03
CA ALA A 344 7.97 -28.90 26.82
C ALA A 344 8.36 -30.04 25.89
N ILE A 345 7.77 -30.05 24.69
CA ILE A 345 8.08 -31.08 23.72
C ILE A 345 9.53 -30.98 23.23
N ALA A 346 10.01 -29.76 23.03
CA ALA A 346 11.39 -29.58 22.58
C ALA A 346 12.34 -30.11 23.66
N GLN A 347 11.95 -29.91 24.92
CA GLN A 347 12.74 -30.36 26.06
C GLN A 347 12.77 -31.89 26.15
N GLU A 348 11.60 -32.51 26.09
CA GLU A 348 11.49 -33.96 26.18
C GLU A 348 12.13 -34.67 25.00
N THR A 349 12.26 -33.99 23.87
CA THR A 349 12.86 -34.61 22.69
C THR A 349 14.34 -34.28 22.55
N GLY A 350 14.87 -33.58 23.54
CA GLY A 350 16.29 -33.24 23.52
C GLY A 350 16.72 -32.09 22.62
N HIS A 351 15.80 -31.19 22.30
CA HIS A 351 16.16 -30.07 21.44
C HIS A 351 16.24 -28.75 22.19
N ALA A 352 17.36 -28.07 22.05
CA ALA A 352 17.55 -26.77 22.68
C ALA A 352 16.53 -25.82 22.07
N ALA A 353 15.73 -25.18 22.91
CA ALA A 353 14.73 -24.26 22.42
C ALA A 353 14.27 -23.28 23.48
N CYS A 354 13.75 -22.14 23.01
CA CYS A 354 13.24 -21.10 23.88
C CYS A 354 12.15 -20.37 23.11
N GLY A 355 11.19 -19.81 23.83
CA GLY A 355 10.11 -19.10 23.19
C GLY A 355 9.18 -18.50 24.20
N GLY A 356 7.96 -18.18 23.77
CA GLY A 356 7.01 -17.59 24.67
C GLY A 356 5.83 -17.04 23.92
N GLN A 357 4.95 -16.35 24.62
CA GLN A 357 3.77 -15.80 23.99
C GLN A 357 3.10 -14.77 24.84
N VAL A 358 2.37 -13.88 24.17
CA VAL A 358 1.60 -12.82 24.79
C VAL A 358 0.34 -12.77 23.94
N SER A 359 -0.80 -13.07 24.55
CA SER A 359 -2.05 -13.08 23.83
C SER A 359 -1.91 -14.07 22.66
N GLY A 360 -2.48 -13.72 21.51
CA GLY A 360 -2.42 -14.61 20.37
C GLY A 360 -1.21 -14.50 19.46
N MET A 361 -0.04 -14.24 20.05
CA MET A 361 1.19 -14.10 19.29
C MET A 361 2.28 -14.88 20.03
N PHE A 362 3.06 -15.65 19.30
CA PHE A 362 4.09 -16.46 19.93
C PHE A 362 5.31 -16.71 19.08
N GLY A 363 6.34 -17.27 19.71
CA GLY A 363 7.57 -17.57 19.01
C GLY A 363 8.19 -18.83 19.58
N PHE A 364 9.02 -19.48 18.77
CA PHE A 364 9.68 -20.72 19.16
C PHE A 364 11.02 -20.77 18.43
N PHE A 365 12.12 -20.62 19.16
CA PHE A 365 13.44 -20.65 18.55
C PHE A 365 14.21 -21.91 18.90
N PHE A 366 14.94 -22.46 17.93
CA PHE A 366 15.74 -23.64 18.17
C PHE A 366 17.13 -23.23 18.63
N THR A 367 17.17 -22.69 19.84
CA THR A 367 18.41 -22.25 20.49
C THR A 367 18.06 -22.13 21.97
N GLU A 368 19.04 -22.29 22.84
CA GLU A 368 18.77 -22.22 24.27
C GLU A 368 18.26 -20.86 24.71
N GLY A 369 18.75 -19.80 24.05
CA GLY A 369 18.33 -18.46 24.42
C GLY A 369 18.70 -18.15 25.86
N PRO A 370 17.92 -17.32 26.57
CA PRO A 370 16.71 -16.66 26.08
C PRO A 370 17.03 -15.68 24.96
N VAL A 371 16.01 -15.30 24.21
CA VAL A 371 16.20 -14.37 23.10
C VAL A 371 15.70 -12.99 23.48
N HIS A 372 16.63 -12.06 23.66
CA HIS A 372 16.29 -10.68 24.03
C HIS A 372 16.43 -9.73 22.84
N ASN A 373 17.14 -10.17 21.80
CA ASN A 373 17.36 -9.34 20.63
C ASN A 373 17.60 -10.17 19.37
N TYR A 374 17.89 -9.49 18.27
CA TYR A 374 18.12 -10.18 17.02
C TYR A 374 19.37 -11.04 17.06
N GLU A 375 20.42 -10.55 17.72
CA GLU A 375 21.66 -11.30 17.81
C GLU A 375 21.39 -12.65 18.47
N ASP A 376 20.60 -12.64 19.55
CA ASP A 376 20.26 -13.88 20.24
C ASP A 376 19.46 -14.78 19.28
N ALA A 377 18.47 -14.19 18.62
CA ALA A 377 17.65 -14.94 17.68
C ALA A 377 18.50 -15.61 16.61
N LYS A 378 19.49 -14.88 16.10
CA LYS A 378 20.37 -15.41 15.06
C LYS A 378 21.17 -16.65 15.44
N LYS A 379 21.05 -17.08 16.69
CA LYS A 379 21.77 -18.27 17.13
C LYS A 379 20.95 -19.54 16.89
N SER A 380 19.67 -19.35 16.55
CA SER A 380 18.80 -20.49 16.30
C SER A 380 19.32 -21.36 15.16
N ASP A 381 19.10 -22.67 15.29
CA ASP A 381 19.53 -23.63 14.30
C ASP A 381 18.56 -23.60 13.12
N LEU A 382 18.89 -22.82 12.09
CA LEU A 382 18.06 -22.67 10.91
C LEU A 382 17.83 -23.98 10.16
N GLN A 383 18.84 -24.83 10.12
CA GLN A 383 18.69 -26.11 9.44
C GLN A 383 17.66 -26.93 10.19
N LYS A 384 17.76 -26.94 11.51
CA LYS A 384 16.81 -27.68 12.34
C LYS A 384 15.42 -27.08 12.14
N PHE A 385 15.34 -25.75 12.13
CA PHE A 385 14.05 -25.12 11.94
C PHE A 385 13.48 -25.49 10.58
N SER A 386 14.34 -25.52 9.57
CA SER A 386 13.89 -25.86 8.22
C SER A 386 13.25 -27.24 8.22
N ARG A 387 13.92 -28.22 8.81
CA ARG A 387 13.39 -29.58 8.86
C ARG A 387 12.12 -29.58 9.69
N PHE A 388 12.12 -28.79 10.76
CA PHE A 388 10.95 -28.72 11.64
C PHE A 388 9.74 -28.22 10.86
N HIS A 389 9.92 -27.08 10.20
CA HIS A 389 8.85 -26.47 9.43
C HIS A 389 8.30 -27.46 8.41
N ARG A 390 9.19 -28.11 7.67
CA ARG A 390 8.78 -29.08 6.65
C ARG A 390 8.01 -30.25 7.28
N GLY A 391 8.53 -30.75 8.39
CA GLY A 391 7.89 -31.87 9.05
C GLY A 391 6.49 -31.52 9.51
N MET A 392 6.36 -30.34 10.13
CA MET A 392 5.06 -29.89 10.60
C MET A 392 4.09 -29.79 9.43
N LEU A 393 4.62 -29.33 8.30
CA LEU A 393 3.83 -29.20 7.08
C LEU A 393 3.32 -30.60 6.69
N GLU A 394 4.21 -31.58 6.76
CA GLU A 394 3.86 -32.95 6.42
C GLU A 394 2.82 -33.48 7.40
N GLN A 395 2.79 -32.92 8.60
CA GLN A 395 1.85 -33.35 9.62
C GLN A 395 0.56 -32.52 9.60
N GLY A 396 0.42 -31.65 8.61
CA GLY A 396 -0.78 -30.83 8.54
C GLY A 396 -0.77 -29.55 9.35
N ILE A 397 0.42 -29.02 9.63
CA ILE A 397 0.53 -27.80 10.39
C ILE A 397 1.24 -26.75 9.54
N TYR A 398 0.58 -25.63 9.31
CA TYR A 398 1.19 -24.57 8.52
C TYR A 398 1.79 -23.48 9.40
N LEU A 399 3.11 -23.45 9.49
CA LEU A 399 3.80 -22.46 10.29
C LEU A 399 4.48 -21.45 9.38
N ALA A 400 4.74 -20.26 9.91
CA ALA A 400 5.40 -19.21 9.15
C ALA A 400 6.68 -19.81 8.59
N PRO A 401 6.91 -19.69 7.28
CA PRO A 401 8.11 -20.23 6.63
C PRO A 401 9.43 -19.55 6.98
N SER A 402 9.63 -19.28 8.26
CA SER A 402 10.86 -18.65 8.71
C SER A 402 11.03 -18.66 10.22
N GLN A 403 12.24 -18.94 10.66
CA GLN A 403 12.55 -18.97 12.07
C GLN A 403 12.36 -17.59 12.68
N PHE A 404 12.53 -16.56 11.85
CA PHE A 404 12.42 -15.18 12.33
C PHE A 404 11.08 -14.50 12.12
N GLU A 405 10.02 -15.28 12.24
CA GLU A 405 8.67 -14.77 12.11
C GLU A 405 7.86 -15.35 13.27
N ALA A 406 7.14 -14.49 13.98
CA ALA A 406 6.33 -14.94 15.09
C ALA A 406 5.14 -15.71 14.53
N GLY A 407 4.55 -16.57 15.36
CA GLY A 407 3.38 -17.32 14.93
C GLY A 407 2.14 -16.63 15.43
N PHE A 408 0.99 -16.99 14.88
CA PHE A 408 -0.27 -16.38 15.28
C PHE A 408 -1.38 -17.39 15.52
N THR A 409 -2.21 -17.11 16.53
CA THR A 409 -3.33 -17.97 16.85
C THR A 409 -4.57 -17.12 16.63
N SER A 410 -5.74 -17.75 16.57
CA SER A 410 -6.96 -17.01 16.34
C SER A 410 -8.08 -17.52 17.23
N LEU A 411 -9.15 -16.74 17.31
CA LEU A 411 -10.31 -17.10 18.10
C LEU A 411 -10.96 -18.36 17.52
N ALA A 412 -10.54 -18.75 16.32
CA ALA A 412 -11.10 -19.93 15.68
C ALA A 412 -10.34 -21.17 16.10
N HIS A 413 -9.09 -21.01 16.50
CA HIS A 413 -8.31 -22.16 16.93
C HIS A 413 -8.99 -22.75 18.15
N THR A 414 -9.20 -24.07 18.13
CA THR A 414 -9.85 -24.74 19.24
C THR A 414 -8.82 -25.47 20.10
N GLU A 415 -9.24 -25.88 21.28
CA GLU A 415 -8.38 -26.61 22.20
C GLU A 415 -7.81 -27.80 21.45
N GLU A 416 -8.66 -28.43 20.64
CA GLU A 416 -8.26 -29.60 19.88
C GLU A 416 -7.22 -29.26 18.81
N ASP A 417 -7.33 -28.08 18.21
CA ASP A 417 -6.36 -27.69 17.18
C ASP A 417 -4.98 -27.62 17.82
N ILE A 418 -4.91 -26.98 18.98
CA ILE A 418 -3.66 -26.83 19.71
C ILE A 418 -3.05 -28.19 20.01
N ASP A 419 -3.87 -29.12 20.51
CA ASP A 419 -3.38 -30.45 20.85
C ASP A 419 -2.91 -31.24 19.63
N ALA A 420 -3.66 -31.15 18.53
CA ALA A 420 -3.27 -31.85 17.31
C ALA A 420 -1.93 -31.29 16.87
N THR A 421 -1.77 -29.98 17.04
CA THR A 421 -0.54 -29.30 16.67
C THR A 421 0.62 -29.81 17.53
N LEU A 422 0.39 -29.91 18.84
CA LEU A 422 1.43 -30.38 19.75
C LEU A 422 1.81 -31.82 19.41
N ALA A 423 0.79 -32.64 19.12
CA ALA A 423 1.03 -34.02 18.77
C ALA A 423 1.96 -34.04 17.55
N ALA A 424 1.63 -33.20 16.57
CA ALA A 424 2.42 -33.11 15.36
C ALA A 424 3.83 -32.63 15.69
N ALA A 425 3.92 -31.62 16.55
CA ALA A 425 5.23 -31.08 16.94
C ALA A 425 6.06 -32.19 17.60
N ARG A 426 5.40 -33.00 18.43
CA ARG A 426 6.10 -34.10 19.09
C ARG A 426 6.60 -35.08 18.04
N THR A 427 5.73 -35.45 17.12
CA THR A 427 6.11 -36.38 16.06
C THR A 427 7.29 -35.83 15.26
N VAL A 428 7.22 -34.55 14.91
CA VAL A 428 8.28 -33.94 14.13
C VAL A 428 9.60 -33.78 14.88
N MET A 429 9.54 -33.30 16.12
CA MET A 429 10.76 -33.12 16.88
C MET A 429 11.42 -34.43 17.25
N SER A 430 10.63 -35.49 17.41
CA SER A 430 11.18 -36.80 17.75
C SER A 430 11.99 -37.30 16.57
N ALA A 431 11.68 -36.80 15.38
CA ALA A 431 12.38 -37.20 14.17
C ALA A 431 13.47 -36.23 13.74
N LEU A 432 13.55 -35.07 14.39
CA LEU A 432 14.57 -34.08 14.03
C LEU A 432 15.97 -34.57 14.38
N PHE B 6 -29.90 22.51 -3.60
CA PHE B 6 -28.80 21.53 -3.40
C PHE B 6 -28.38 21.45 -1.94
N LYS B 7 -28.72 20.36 -1.28
CA LYS B 7 -28.38 20.16 0.12
C LYS B 7 -27.25 19.16 0.29
N THR B 8 -26.34 19.46 1.21
CA THR B 8 -25.21 18.59 1.51
C THR B 8 -25.02 18.60 3.02
N ILE B 9 -26.16 18.67 3.72
CA ILE B 9 -26.15 18.72 5.18
C ILE B 9 -25.46 17.53 5.84
N LYS B 10 -25.82 16.31 5.45
CA LYS B 10 -25.20 15.14 6.06
C LYS B 10 -23.70 15.08 5.77
N SER B 11 -23.32 15.43 4.54
CA SER B 11 -21.92 15.43 4.15
C SER B 11 -21.13 16.36 5.07
N ASP B 12 -21.66 17.57 5.27
CA ASP B 12 -21.00 18.55 6.11
C ASP B 12 -20.84 18.01 7.54
N GLU B 13 -21.91 17.43 8.07
CA GLU B 13 -21.88 16.88 9.42
C GLU B 13 -20.85 15.78 9.57
N ILE B 14 -20.86 14.83 8.64
CA ILE B 14 -19.90 13.74 8.70
C ILE B 14 -18.50 14.27 8.47
N PHE B 15 -18.35 15.19 7.54
CA PHE B 15 -17.04 15.75 7.26
C PHE B 15 -16.50 16.52 8.47
N ALA B 16 -17.34 17.36 9.07
CA ALA B 16 -16.92 18.13 10.24
C ALA B 16 -16.39 17.17 11.30
N ALA B 17 -17.16 16.13 11.60
CA ALA B 17 -16.75 15.16 12.62
C ALA B 17 -15.49 14.42 12.16
N ALA B 18 -15.34 14.23 10.86
CA ALA B 18 -14.17 13.54 10.32
C ALA B 18 -12.87 14.31 10.57
N GLN B 19 -12.95 15.63 10.46
CA GLN B 19 -11.78 16.48 10.65
C GLN B 19 -11.20 16.36 12.05
N LYS B 20 -11.97 15.77 12.97
CA LYS B 20 -11.51 15.58 14.34
C LYS B 20 -10.92 14.19 14.53
N LEU B 21 -11.18 13.31 13.56
CA LEU B 21 -10.72 11.93 13.61
C LEU B 21 -9.54 11.63 12.70
N MET B 22 -9.47 12.33 11.58
CA MET B 22 -8.42 12.12 10.61
C MET B 22 -7.90 13.45 10.13
N PRO B 23 -6.60 13.51 9.79
CA PRO B 23 -6.00 14.77 9.32
C PRO B 23 -6.80 15.32 8.13
N GLY B 24 -7.35 16.51 8.30
CA GLY B 24 -8.15 17.12 7.24
C GLY B 24 -9.48 16.40 7.05
N GLY B 25 -9.75 15.44 7.93
CA GLY B 25 -11.00 14.69 7.85
C GLY B 25 -11.05 13.78 6.63
N VAL B 26 -9.90 13.42 6.09
CA VAL B 26 -9.85 12.56 4.92
C VAL B 26 -8.68 11.58 4.92
N SER B 27 -8.77 10.56 4.08
CA SER B 27 -7.73 9.56 3.97
C SER B 27 -6.72 9.95 2.90
N SER B 28 -7.07 10.95 2.10
CA SER B 28 -6.17 11.43 1.04
C SER B 28 -6.47 12.93 0.82
N PRO B 29 -5.43 13.76 0.80
CA PRO B 29 -5.50 15.22 0.62
C PRO B 29 -6.55 15.79 -0.33
N VAL B 30 -6.54 15.36 -1.59
CA VAL B 30 -7.49 15.89 -2.58
C VAL B 30 -8.96 15.80 -2.15
N ARG B 31 -9.30 14.76 -1.42
CA ARG B 31 -10.68 14.55 -0.97
C ARG B 31 -11.22 15.69 -0.10
N ALA B 32 -10.34 16.49 0.47
CA ALA B 32 -10.75 17.59 1.32
C ALA B 32 -11.35 18.79 0.57
N PHE B 33 -11.31 18.73 -0.76
CA PHE B 33 -11.86 19.82 -1.57
C PHE B 33 -11.23 21.20 -1.29
N LYS B 34 -10.03 21.22 -0.74
CA LYS B 34 -9.37 22.48 -0.42
C LYS B 34 -9.26 23.43 -1.61
N SER B 35 -9.11 22.91 -2.81
CA SER B 35 -8.98 23.77 -3.97
C SER B 35 -10.30 24.19 -4.59
N VAL B 36 -11.40 23.66 -4.06
CA VAL B 36 -12.70 24.02 -4.60
C VAL B 36 -13.76 24.34 -3.54
N GLY B 37 -13.35 25.05 -2.49
CA GLY B 37 -14.31 25.42 -1.46
C GLY B 37 -14.21 24.72 -0.12
N GLY B 38 -13.67 23.50 -0.10
CA GLY B 38 -13.50 22.80 1.15
C GLY B 38 -14.72 22.09 1.74
N GLN B 39 -15.73 21.84 0.92
CA GLN B 39 -16.92 21.13 1.41
C GLN B 39 -17.14 19.90 0.54
N PRO B 40 -16.38 18.83 0.81
CA PRO B 40 -16.51 17.59 0.04
C PRO B 40 -17.85 16.91 0.26
N ILE B 41 -18.26 16.08 -0.69
CA ILE B 41 -19.50 15.35 -0.55
C ILE B 41 -19.14 13.92 -0.14
N VAL B 42 -19.77 13.45 0.93
CA VAL B 42 -19.53 12.11 1.44
C VAL B 42 -20.38 11.12 0.67
N PHE B 43 -19.73 10.15 0.05
CA PHE B 43 -20.44 9.13 -0.72
C PHE B 43 -21.00 8.06 0.19
N ASP B 44 -22.16 7.54 -0.18
CA ASP B 44 -22.76 6.46 0.55
C ASP B 44 -22.56 5.22 -0.31
N ARG B 45 -22.71 5.39 -1.62
CA ARG B 45 -22.56 4.29 -2.57
C ARG B 45 -22.34 4.79 -3.99
N VAL B 46 -21.83 3.92 -4.85
CA VAL B 46 -21.59 4.26 -6.24
C VAL B 46 -22.07 3.10 -7.10
N LYS B 47 -22.70 3.43 -8.22
CA LYS B 47 -23.22 2.39 -9.10
C LYS B 47 -23.12 2.83 -10.55
N ASP B 48 -22.62 1.92 -11.39
CA ASP B 48 -22.47 2.22 -12.80
C ASP B 48 -21.68 3.53 -12.97
N ALA B 49 -22.29 4.52 -13.60
CA ALA B 49 -21.62 5.80 -13.82
C ALA B 49 -22.02 6.83 -12.77
N TYR B 50 -22.63 6.37 -11.68
CA TYR B 50 -23.10 7.29 -10.66
C TYR B 50 -22.50 7.18 -9.26
N ALA B 51 -22.63 8.27 -8.52
CA ALA B 51 -22.19 8.34 -7.14
C ALA B 51 -23.42 8.82 -6.41
N TRP B 52 -23.69 8.25 -5.25
CA TRP B 52 -24.86 8.66 -4.47
C TRP B 52 -24.45 9.22 -3.11
N ASP B 53 -24.82 10.47 -2.88
CA ASP B 53 -24.55 11.21 -1.64
C ASP B 53 -25.13 10.56 -0.41
N VAL B 54 -24.73 11.10 0.74
CA VAL B 54 -25.26 10.66 2.02
C VAL B 54 -26.50 11.53 2.26
N ASP B 55 -26.73 12.48 1.36
CA ASP B 55 -27.88 13.38 1.44
C ASP B 55 -28.96 13.02 0.43
N GLY B 56 -28.73 11.95 -0.34
CA GLY B 56 -29.71 11.55 -1.31
C GLY B 56 -29.50 12.11 -2.70
N ASN B 57 -28.40 12.82 -2.91
CA ASN B 57 -28.11 13.40 -4.21
C ASN B 57 -27.39 12.37 -5.05
N ARG B 58 -27.70 12.37 -6.34
CA ARG B 58 -27.06 11.46 -7.29
C ARG B 58 -26.17 12.30 -8.21
N TYR B 59 -25.05 11.75 -8.64
CA TYR B 59 -24.15 12.49 -9.53
C TYR B 59 -23.63 11.63 -10.65
N ILE B 60 -23.49 12.22 -11.84
CA ILE B 60 -22.89 11.50 -12.93
C ILE B 60 -21.43 11.68 -12.55
N ASP B 61 -20.78 10.57 -12.21
CA ASP B 61 -19.41 10.56 -11.74
C ASP B 61 -18.30 10.53 -12.80
N TYR B 62 -17.40 11.52 -12.75
CA TYR B 62 -16.29 11.58 -13.69
C TYR B 62 -14.93 11.43 -13.00
N VAL B 63 -14.95 10.81 -11.83
CA VAL B 63 -13.74 10.56 -11.08
C VAL B 63 -13.48 9.06 -11.12
N GLY B 64 -14.56 8.29 -11.11
CA GLY B 64 -14.45 6.84 -11.16
C GLY B 64 -13.42 6.36 -10.17
N THR B 65 -13.57 6.82 -8.93
CA THR B 65 -12.65 6.51 -7.82
C THR B 65 -11.21 6.61 -8.27
N TRP B 66 -10.98 7.55 -9.19
CA TRP B 66 -9.68 7.87 -9.74
C TRP B 66 -9.08 6.85 -10.68
N GLY B 67 -9.92 6.18 -11.46
CA GLY B 67 -9.40 5.23 -12.42
C GLY B 67 -9.88 3.80 -12.37
N PRO B 68 -9.92 3.16 -11.19
CA PRO B 68 -10.38 1.76 -11.08
C PRO B 68 -11.73 1.43 -11.74
N ALA B 69 -12.72 2.30 -11.54
CA ALA B 69 -14.06 2.06 -12.05
C ALA B 69 -14.26 2.20 -13.57
N ILE B 70 -13.32 1.73 -14.36
CA ILE B 70 -13.42 1.86 -15.82
C ILE B 70 -14.61 1.13 -16.46
N CYS B 71 -15.06 0.04 -15.85
CA CYS B 71 -16.19 -0.72 -16.37
C CYS B 71 -17.46 -0.27 -15.64
N GLY B 72 -17.33 0.77 -14.83
CA GLY B 72 -18.47 1.27 -14.09
C GLY B 72 -18.34 0.89 -12.63
N HIS B 73 -18.98 1.65 -11.75
CA HIS B 73 -18.94 1.39 -10.31
C HIS B 73 -19.78 0.18 -9.97
N ALA B 74 -19.29 -0.66 -9.07
CA ALA B 74 -20.03 -1.84 -8.64
C ALA B 74 -20.59 -2.68 -9.79
N HIS B 75 -19.78 -2.96 -10.80
CA HIS B 75 -20.21 -3.77 -11.94
C HIS B 75 -20.64 -5.13 -11.38
N PRO B 76 -21.84 -5.61 -11.76
CA PRO B 76 -22.34 -6.90 -11.27
C PRO B 76 -21.39 -8.10 -11.37
N GLU B 77 -20.68 -8.22 -12.49
CA GLU B 77 -19.75 -9.33 -12.65
C GLU B 77 -18.55 -9.21 -11.71
N VAL B 78 -18.07 -7.98 -11.48
CA VAL B 78 -16.95 -7.79 -10.56
C VAL B 78 -17.37 -8.08 -9.11
N ILE B 79 -18.52 -7.54 -8.71
CA ILE B 79 -18.99 -7.76 -7.35
C ILE B 79 -19.34 -9.24 -7.14
N GLU B 80 -19.84 -9.89 -8.18
CA GLU B 80 -20.17 -11.30 -8.05
C GLU B 80 -18.90 -12.14 -7.92
N ALA B 81 -17.91 -11.83 -8.76
CA ALA B 81 -16.64 -12.53 -8.74
C ALA B 81 -16.03 -12.34 -7.35
N LEU B 82 -16.18 -11.14 -6.80
CA LEU B 82 -15.65 -10.83 -5.48
C LEU B 82 -16.35 -11.61 -4.38
N LYS B 83 -17.68 -11.63 -4.41
CA LYS B 83 -18.44 -12.33 -3.39
C LYS B 83 -18.11 -13.82 -3.40
N VAL B 84 -17.87 -14.37 -4.58
CA VAL B 84 -17.55 -15.78 -4.68
C VAL B 84 -16.15 -16.05 -4.14
N ALA B 85 -15.20 -15.19 -4.50
CA ALA B 85 -13.82 -15.36 -4.06
C ALA B 85 -13.61 -15.18 -2.56
N MET B 86 -14.29 -14.22 -1.95
CA MET B 86 -14.08 -13.99 -0.52
C MET B 86 -14.53 -15.16 0.34
N GLU B 87 -15.44 -15.96 -0.21
CA GLU B 87 -15.96 -17.14 0.48
C GLU B 87 -14.80 -18.09 0.77
N LYS B 88 -13.72 -17.95 0.03
CA LYS B 88 -12.55 -18.82 0.20
C LYS B 88 -11.47 -18.14 1.04
N GLY B 89 -11.74 -16.92 1.45
CA GLY B 89 -10.78 -16.17 2.24
C GLY B 89 -10.50 -14.81 1.64
N THR B 90 -10.37 -13.80 2.49
CA THR B 90 -10.10 -12.46 2.02
C THR B 90 -8.62 -12.26 1.73
N SER B 91 -7.79 -13.12 2.34
CA SER B 91 -6.35 -13.02 2.19
C SER B 91 -5.65 -14.30 2.63
N PHE B 92 -4.54 -14.64 1.94
CA PHE B 92 -3.79 -15.85 2.25
C PHE B 92 -2.41 -15.57 2.84
N GLY B 93 -1.77 -14.50 2.39
CA GLY B 93 -0.44 -14.21 2.89
C GLY B 93 0.51 -15.26 2.34
N ALA B 94 0.08 -15.89 1.24
CA ALA B 94 0.84 -16.94 0.57
C ALA B 94 0.35 -16.98 -0.88
N PRO B 95 1.10 -17.69 -1.74
CA PRO B 95 0.76 -17.82 -3.16
C PRO B 95 -0.61 -18.45 -3.43
N CYS B 96 -1.28 -17.96 -4.46
CA CYS B 96 -2.55 -18.53 -4.87
C CYS B 96 -2.56 -18.46 -6.39
N ALA B 97 -3.25 -19.39 -7.04
CA ALA B 97 -3.29 -19.42 -8.50
C ALA B 97 -3.75 -18.12 -9.14
N LEU B 98 -4.58 -17.36 -8.42
CA LEU B 98 -5.11 -16.10 -8.93
C LEU B 98 -4.03 -15.08 -9.26
N GLU B 99 -2.89 -15.19 -8.58
CA GLU B 99 -1.78 -14.28 -8.83
C GLU B 99 -1.18 -14.62 -10.19
N ASN B 100 -1.03 -15.92 -10.47
CA ASN B 100 -0.51 -16.37 -11.75
C ASN B 100 -1.41 -15.87 -12.88
N VAL B 101 -2.72 -16.00 -12.69
CA VAL B 101 -3.66 -15.57 -13.71
C VAL B 101 -3.58 -14.08 -14.01
N LEU B 102 -3.62 -13.26 -12.97
CA LEU B 102 -3.56 -11.82 -13.19
C LEU B 102 -2.21 -11.47 -13.81
N ALA B 103 -1.13 -12.03 -13.25
CA ALA B 103 0.20 -11.75 -13.76
C ALA B 103 0.26 -12.04 -15.25
N GLU B 104 -0.31 -13.17 -15.64
CA GLU B 104 -0.32 -13.59 -17.03
C GLU B 104 -1.14 -12.65 -17.92
N MET B 105 -2.27 -12.18 -17.40
CA MET B 105 -3.12 -11.27 -18.17
C MET B 105 -2.41 -9.93 -18.34
N VAL B 106 -1.66 -9.52 -17.32
CA VAL B 106 -0.93 -8.27 -17.37
C VAL B 106 0.22 -8.41 -18.37
N ASN B 107 0.97 -9.51 -18.26
CA ASN B 107 2.08 -9.77 -19.17
C ASN B 107 1.62 -9.76 -20.61
N ASP B 108 0.47 -10.39 -20.88
CA ASP B 108 -0.07 -10.44 -22.24
C ASP B 108 -0.59 -9.11 -22.72
N ALA B 109 -1.06 -8.29 -21.78
CA ALA B 109 -1.65 -7.01 -22.10
C ALA B 109 -0.70 -5.87 -22.43
N VAL B 110 0.38 -5.73 -21.67
CA VAL B 110 1.29 -4.62 -21.88
C VAL B 110 2.64 -4.99 -22.49
N PRO B 111 2.98 -4.32 -23.59
CA PRO B 111 4.19 -4.44 -24.41
C PRO B 111 5.51 -4.67 -23.68
N SER B 112 5.76 -3.89 -22.63
CA SER B 112 7.01 -4.01 -21.90
C SER B 112 7.09 -5.00 -20.76
N ILE B 113 5.95 -5.51 -20.32
CA ILE B 113 5.96 -6.44 -19.20
C ILE B 113 6.10 -7.91 -19.57
N GLU B 114 7.15 -8.55 -19.04
CA GLU B 114 7.38 -9.96 -19.29
C GLU B 114 7.28 -10.64 -17.93
N MET B 115 7.48 -9.85 -16.89
CA MET B 115 7.42 -10.32 -15.51
C MET B 115 6.88 -9.20 -14.63
N VAL B 116 6.00 -9.55 -13.70
CA VAL B 116 5.39 -8.57 -12.80
C VAL B 116 5.37 -8.95 -11.34
N ARG B 117 5.43 -7.92 -10.51
CA ARG B 117 5.38 -8.05 -9.06
C ARG B 117 4.23 -7.18 -8.61
N PHE B 118 3.23 -7.81 -7.98
CA PHE B 118 2.07 -7.08 -7.49
C PHE B 118 2.38 -6.46 -6.14
N VAL B 119 1.88 -5.25 -5.94
CA VAL B 119 2.06 -4.54 -4.67
C VAL B 119 0.67 -4.05 -4.29
N ASN B 120 0.60 -3.13 -3.33
CA ASN B 120 -0.68 -2.67 -2.86
C ASN B 120 -1.13 -1.25 -3.21
N SER B 121 -0.33 -0.55 -4.00
CA SER B 121 -0.69 0.81 -4.38
C SER B 121 0.24 1.34 -5.44
N GLY B 122 -0.13 2.48 -6.03
CA GLY B 122 0.72 3.07 -7.04
C GLY B 122 1.99 3.53 -6.34
N THR B 123 1.84 4.00 -5.11
CA THR B 123 3.01 4.47 -4.35
C THR B 123 4.03 3.37 -4.15
N GLU B 124 3.58 2.18 -3.77
CA GLU B 124 4.50 1.07 -3.56
C GLU B 124 5.12 0.65 -4.88
N ALA B 125 4.30 0.64 -5.93
CA ALA B 125 4.80 0.27 -7.24
C ALA B 125 5.91 1.21 -7.67
N CYS B 126 5.66 2.50 -7.57
CA CYS B 126 6.63 3.50 -7.96
C CYS B 126 7.92 3.52 -7.13
N MET B 127 7.81 3.40 -5.82
CA MET B 127 9.02 3.39 -5.02
C MET B 127 9.79 2.12 -5.35
N ALA B 128 9.08 1.04 -5.64
CA ALA B 128 9.73 -0.22 -5.96
C ALA B 128 10.40 -0.14 -7.33
N VAL B 129 9.71 0.44 -8.31
CA VAL B 129 10.26 0.57 -9.65
C VAL B 129 11.48 1.49 -9.62
N LEU B 130 11.42 2.53 -8.80
CA LEU B 130 12.52 3.48 -8.71
C LEU B 130 13.75 2.74 -8.17
N ARG B 131 13.53 1.89 -7.17
CA ARG B 131 14.62 1.13 -6.57
C ARG B 131 15.21 0.12 -7.55
N ILE B 132 14.37 -0.48 -8.39
CA ILE B 132 14.84 -1.45 -9.36
C ILE B 132 15.63 -0.74 -10.44
N MET B 133 15.18 0.47 -10.81
CA MET B 133 15.90 1.26 -11.82
C MET B 133 17.34 1.43 -11.36
N ARG B 134 17.49 1.91 -10.12
CA ARG B 134 18.80 2.14 -9.55
C ARG B 134 19.61 0.87 -9.34
N ALA B 135 18.94 -0.20 -8.91
CA ALA B 135 19.61 -1.46 -8.69
C ALA B 135 20.13 -2.08 -9.99
N TYR B 136 19.36 -1.95 -11.06
CA TYR B 136 19.75 -2.52 -12.34
C TYR B 136 20.93 -1.79 -12.98
N THR B 137 20.87 -0.47 -12.95
CA THR B 137 21.91 0.36 -13.55
C THR B 137 23.07 0.64 -12.58
N GLY B 138 22.82 0.47 -11.30
CA GLY B 138 23.86 0.72 -10.32
C GLY B 138 24.08 2.22 -10.16
N ARG B 139 23.10 3.00 -10.60
CA ARG B 139 23.17 4.46 -10.52
C ARG B 139 22.08 4.96 -9.57
N ASP B 140 22.28 6.15 -9.02
CA ASP B 140 21.32 6.71 -8.07
C ASP B 140 20.41 7.83 -8.57
N LYS B 141 20.90 8.63 -9.51
CA LYS B 141 20.10 9.74 -10.01
C LYS B 141 18.93 9.34 -10.90
N ILE B 142 17.78 9.94 -10.60
CA ILE B 142 16.54 9.69 -11.31
C ILE B 142 15.99 10.97 -11.91
N ILE B 143 15.42 10.87 -13.11
CA ILE B 143 14.83 12.02 -13.76
C ILE B 143 13.31 11.89 -13.77
N LYS B 144 12.63 12.83 -13.11
CA LYS B 144 11.17 12.83 -13.08
C LYS B 144 10.72 14.15 -13.67
N PHE B 145 9.46 14.24 -14.07
CA PHE B 145 8.95 15.47 -14.65
C PHE B 145 8.06 16.23 -13.68
N GLU B 146 8.15 17.56 -13.74
CA GLU B 146 7.35 18.41 -12.89
C GLU B 146 5.89 18.24 -13.31
N GLY B 147 5.00 18.04 -12.35
CA GLY B 147 3.59 17.86 -12.68
C GLY B 147 3.21 16.39 -12.66
N CYS B 148 4.20 15.51 -12.75
CA CYS B 148 3.96 14.07 -12.71
C CYS B 148 3.94 13.64 -11.26
N TYR B 149 3.06 12.68 -10.94
CA TYR B 149 2.94 12.17 -9.59
C TYR B 149 3.18 10.66 -9.61
N HIS B 150 4.01 10.19 -8.68
CA HIS B 150 4.34 8.77 -8.59
C HIS B 150 4.24 8.26 -7.16
N GLY B 151 3.24 8.72 -6.42
CA GLY B 151 3.11 8.28 -5.04
C GLY B 151 3.84 9.24 -4.11
N HIS B 152 3.73 9.00 -2.81
CA HIS B 152 4.37 9.89 -1.84
C HIS B 152 5.73 9.46 -1.32
N ALA B 153 6.39 8.53 -2.02
CA ALA B 153 7.71 8.10 -1.61
C ALA B 153 8.62 9.34 -1.57
N ASP B 154 9.51 9.38 -0.58
CA ASP B 154 10.41 10.53 -0.40
C ASP B 154 11.15 11.01 -1.66
N MET B 155 11.81 10.11 -2.39
CA MET B 155 12.54 10.54 -3.59
C MET B 155 11.69 11.33 -4.57
N PHE B 156 10.38 11.11 -4.53
CA PHE B 156 9.47 11.82 -5.44
C PHE B 156 9.02 13.18 -4.90
N LEU B 157 9.04 13.32 -3.57
CA LEU B 157 8.64 14.57 -2.94
C LEU B 157 9.73 15.62 -3.09
N VAL B 158 10.13 15.85 -4.35
CA VAL B 158 11.18 16.80 -4.67
C VAL B 158 10.62 18.12 -5.23
N LYS B 159 11.28 19.21 -4.88
CA LYS B 159 10.88 20.54 -5.31
C LYS B 159 11.36 20.87 -6.72
N ALA B 160 10.54 21.65 -7.43
CA ALA B 160 10.86 22.06 -8.79
C ALA B 160 9.79 23.03 -9.28
N GLY B 168 17.46 18.96 -6.47
CA GLY B 168 16.86 17.90 -5.66
C GLY B 168 16.62 18.35 -4.23
N LEU B 169 15.70 19.29 -4.06
CA LEU B 169 15.36 19.79 -2.74
C LEU B 169 13.96 19.33 -2.34
N PRO B 170 13.75 19.04 -1.05
CA PRO B 170 12.45 18.59 -0.57
C PRO B 170 11.36 19.63 -0.83
N SER B 171 10.17 19.15 -1.19
CA SER B 171 9.05 20.04 -1.46
C SER B 171 8.09 20.08 -0.28
N SER B 172 8.31 19.18 0.68
CA SER B 172 7.49 19.09 1.88
C SER B 172 8.38 18.69 3.04
N PRO B 173 7.95 18.95 4.28
CA PRO B 173 8.75 18.59 5.45
C PRO B 173 8.80 17.09 5.77
N GLY B 174 9.75 16.72 6.62
CA GLY B 174 9.90 15.33 6.99
C GLY B 174 10.73 14.50 6.03
N VAL B 175 11.20 15.11 4.95
CA VAL B 175 12.00 14.37 3.98
C VAL B 175 13.38 15.01 3.83
N PRO B 176 14.43 14.30 4.32
CA PRO B 176 15.81 14.78 4.25
C PRO B 176 16.24 15.13 2.82
N LYS B 177 16.87 16.29 2.67
CA LYS B 177 17.34 16.74 1.36
C LYS B 177 18.22 15.67 0.75
N LYS B 178 18.96 14.98 1.61
CA LYS B 178 19.87 13.93 1.17
C LYS B 178 19.18 12.89 0.29
N THR B 179 17.92 12.60 0.56
CA THR B 179 17.19 11.61 -0.22
C THR B 179 16.63 12.15 -1.53
N THR B 180 16.43 13.47 -1.60
CA THR B 180 15.91 14.09 -2.82
C THR B 180 17.02 14.59 -3.72
N ALA B 181 18.25 14.54 -3.22
CA ALA B 181 19.41 14.98 -3.99
C ALA B 181 19.56 14.17 -5.27
N ASN B 182 19.25 12.87 -5.19
CA ASN B 182 19.36 12.00 -6.35
C ASN B 182 18.13 12.00 -7.26
N THR B 183 17.28 13.01 -7.10
CA THR B 183 16.09 13.11 -7.93
C THR B 183 16.17 14.40 -8.72
N LEU B 184 16.31 14.26 -10.04
CA LEU B 184 16.41 15.42 -10.94
C LEU B 184 15.06 15.59 -11.62
N THR B 185 14.58 16.82 -11.71
CA THR B 185 13.29 17.06 -12.35
C THR B 185 13.45 17.97 -13.54
N THR B 186 12.47 17.91 -14.43
CA THR B 186 12.49 18.72 -15.64
C THR B 186 11.06 18.96 -16.11
N PRO B 187 10.86 19.97 -16.96
CA PRO B 187 9.50 20.21 -17.44
C PRO B 187 9.04 19.07 -18.33
N TYR B 188 7.77 18.72 -18.22
CA TYR B 188 7.21 17.67 -19.05
C TYR B 188 7.28 18.19 -20.49
N ASN B 189 7.35 17.27 -21.46
CA ASN B 189 7.40 17.67 -22.86
C ASN B 189 8.63 18.49 -23.24
N ASP B 190 9.70 18.37 -22.46
CA ASP B 190 10.92 19.14 -22.72
C ASP B 190 12.14 18.24 -22.89
N LEU B 191 12.33 17.72 -24.10
CA LEU B 191 13.46 16.84 -24.36
C LEU B 191 14.81 17.50 -24.07
N GLU B 192 14.97 18.76 -24.49
CA GLU B 192 16.22 19.45 -24.27
C GLU B 192 16.62 19.50 -22.80
N ALA B 193 15.64 19.72 -21.93
CA ALA B 193 15.91 19.78 -20.50
C ALA B 193 16.42 18.42 -20.03
N VAL B 194 15.76 17.36 -20.48
CA VAL B 194 16.15 16.01 -20.12
C VAL B 194 17.57 15.77 -20.60
N LYS B 195 17.84 16.14 -21.86
CA LYS B 195 19.16 15.97 -22.44
C LYS B 195 20.19 16.68 -21.56
N ALA B 196 19.88 17.92 -21.20
CA ALA B 196 20.76 18.73 -20.37
C ALA B 196 21.05 18.03 -19.04
N LEU B 197 20.03 17.40 -18.47
CA LEU B 197 20.21 16.71 -17.20
C LEU B 197 21.20 15.57 -17.35
N PHE B 198 21.06 14.79 -18.41
CA PHE B 198 21.97 13.67 -18.65
C PHE B 198 23.41 14.19 -18.79
N ALA B 199 23.56 15.32 -19.47
CA ALA B 199 24.88 15.89 -19.69
C ALA B 199 25.48 16.43 -18.40
N GLU B 200 24.65 17.04 -17.57
CA GLU B 200 25.10 17.60 -16.31
C GLU B 200 25.38 16.53 -15.25
N ASN B 201 25.00 15.29 -15.57
CA ASN B 201 25.18 14.17 -14.64
C ASN B 201 25.62 12.90 -15.36
N PRO B 202 26.72 12.97 -16.13
CA PRO B 202 27.23 11.82 -16.86
C PRO B 202 27.47 10.58 -16.01
N GLY B 203 26.97 9.45 -16.50
CA GLY B 203 27.14 8.19 -15.80
C GLY B 203 26.41 8.05 -14.47
N GLU B 204 25.54 9.00 -14.15
CA GLU B 204 24.81 8.96 -12.88
C GLU B 204 23.30 8.76 -13.01
N ILE B 205 22.79 8.87 -14.24
CA ILE B 205 21.36 8.73 -14.47
C ILE B 205 20.91 7.28 -14.64
N ALA B 206 20.17 6.79 -13.66
CA ALA B 206 19.66 5.42 -13.69
C ALA B 206 18.59 5.35 -14.78
N GLY B 207 17.76 6.37 -14.84
CA GLY B 207 16.72 6.38 -15.84
C GLY B 207 15.73 7.52 -15.71
N VAL B 208 14.68 7.44 -16.51
CA VAL B 208 13.63 8.44 -16.54
C VAL B 208 12.27 7.80 -16.28
N ILE B 209 11.52 8.38 -15.35
CA ILE B 209 10.19 7.87 -15.04
C ILE B 209 9.20 8.99 -15.33
N LEU B 210 8.03 8.61 -15.83
CA LEU B 210 7.00 9.61 -16.14
C LEU B 210 5.67 8.96 -16.43
N GLU B 211 4.62 9.76 -16.41
CA GLU B 211 3.31 9.29 -16.76
C GLU B 211 3.35 9.52 -18.27
N PRO B 212 3.30 8.43 -19.07
CA PRO B 212 3.33 8.56 -20.53
C PRO B 212 2.28 9.56 -21.02
N ILE B 213 1.25 9.73 -20.21
CA ILE B 213 0.20 10.71 -20.44
C ILE B 213 -0.05 11.17 -19.02
N VAL B 214 -0.01 12.48 -18.79
CA VAL B 214 -0.21 13.00 -17.44
C VAL B 214 -1.66 13.17 -17.03
N GLY B 215 -1.96 12.78 -15.80
CA GLY B 215 -3.31 12.92 -15.28
C GLY B 215 -3.28 13.61 -13.93
N ASN B 216 -2.11 13.67 -13.31
CA ASN B 216 -1.94 14.26 -11.98
C ASN B 216 -1.66 15.75 -11.87
N SER B 217 -1.66 16.46 -12.99
CA SER B 217 -1.45 17.90 -12.96
C SER B 217 -2.39 18.35 -14.06
N GLY B 218 -3.51 17.65 -14.13
CA GLY B 218 -4.50 17.91 -15.15
C GLY B 218 -4.15 16.94 -16.27
N PHE B 219 -4.97 16.87 -17.30
CA PHE B 219 -4.72 15.98 -18.42
C PHE B 219 -3.70 16.63 -19.36
N ILE B 220 -2.52 16.01 -19.46
CA ILE B 220 -1.50 16.55 -20.34
C ILE B 220 -0.96 15.46 -21.25
N VAL B 221 -1.12 15.68 -22.54
CA VAL B 221 -0.66 14.72 -23.54
C VAL B 221 0.78 15.01 -23.95
N PRO B 222 1.57 13.95 -24.20
CA PRO B 222 2.95 14.18 -24.61
C PRO B 222 2.95 14.73 -26.04
N ASP B 223 3.90 15.60 -26.35
CA ASP B 223 3.98 16.16 -27.69
C ASP B 223 4.50 15.10 -28.65
N ALA B 224 4.22 15.28 -29.93
CA ALA B 224 4.69 14.33 -30.93
C ALA B 224 6.19 14.20 -30.75
N GLY B 225 6.67 12.97 -30.67
CA GLY B 225 8.10 12.74 -30.52
C GLY B 225 8.65 12.76 -29.10
N PHE B 226 7.90 13.30 -28.15
CA PHE B 226 8.38 13.37 -26.77
C PHE B 226 8.72 11.99 -26.22
N LEU B 227 7.74 11.08 -26.19
CA LEU B 227 7.98 9.74 -25.67
C LEU B 227 9.06 9.05 -26.50
N GLU B 228 9.01 9.21 -27.81
CA GLU B 228 9.99 8.60 -28.69
C GLU B 228 11.39 9.13 -28.35
N GLY B 229 11.47 10.44 -28.11
CA GLY B 229 12.73 11.05 -27.77
C GLY B 229 13.29 10.53 -26.46
N LEU B 230 12.41 10.36 -25.47
CA LEU B 230 12.83 9.86 -24.16
C LEU B 230 13.36 8.44 -24.27
N ARG B 231 12.76 7.65 -25.15
CA ARG B 231 13.23 6.28 -25.33
C ARG B 231 14.59 6.33 -26.00
N GLU B 232 14.76 7.27 -26.92
CA GLU B 232 16.02 7.42 -27.63
C GLU B 232 17.19 7.80 -26.72
N ILE B 233 17.03 8.87 -25.96
CA ILE B 233 18.13 9.31 -25.11
C ILE B 233 18.42 8.33 -23.98
N THR B 234 17.40 7.69 -23.41
CA THR B 234 17.64 6.73 -22.34
C THR B 234 18.46 5.58 -22.91
N LEU B 235 18.16 5.17 -24.14
CA LEU B 235 18.90 4.09 -24.78
C LEU B 235 20.33 4.57 -25.04
N GLU B 236 20.46 5.82 -25.46
CA GLU B 236 21.76 6.40 -25.76
C GLU B 236 22.68 6.38 -24.54
N HIS B 237 22.14 6.76 -23.38
CA HIS B 237 22.95 6.79 -22.17
C HIS B 237 22.82 5.53 -21.32
N ASP B 238 22.43 4.43 -21.96
CA ASP B 238 22.31 3.17 -21.25
C ASP B 238 21.51 3.37 -19.96
N ALA B 239 20.40 4.09 -20.07
CA ALA B 239 19.54 4.36 -18.93
C ALA B 239 18.15 3.82 -19.19
N LEU B 240 17.41 3.54 -18.11
CA LEU B 240 16.07 3.00 -18.23
C LEU B 240 14.98 4.04 -18.46
N LEU B 241 13.92 3.62 -19.14
CA LEU B 241 12.78 4.48 -19.38
C LEU B 241 11.64 3.80 -18.64
N VAL B 242 11.02 4.52 -17.71
CA VAL B 242 9.94 3.95 -16.92
C VAL B 242 8.62 4.68 -17.08
N PHE B 243 7.60 3.96 -17.52
CA PHE B 243 6.27 4.52 -17.70
C PHE B 243 5.43 4.25 -16.47
N ASP B 244 4.95 5.32 -15.84
CA ASP B 244 4.08 5.16 -14.69
C ASP B 244 2.67 5.13 -15.28
N GLU B 245 2.16 3.93 -15.51
CA GLU B 245 0.82 3.78 -16.07
C GLU B 245 -0.20 3.33 -15.05
N VAL B 246 -0.01 3.74 -13.80
CA VAL B 246 -0.93 3.39 -12.73
C VAL B 246 -2.30 3.94 -13.11
N MET B 247 -2.31 5.13 -13.70
CA MET B 247 -3.54 5.79 -14.10
C MET B 247 -3.92 5.50 -15.55
N THR B 248 -2.92 5.43 -16.42
CA THR B 248 -3.17 5.19 -17.83
C THR B 248 -3.28 3.72 -18.21
N GLY B 249 -2.62 2.85 -17.45
CA GLY B 249 -2.68 1.42 -17.74
C GLY B 249 -4.12 0.93 -17.86
N PHE B 250 -4.38 0.16 -18.92
CA PHE B 250 -5.70 -0.41 -19.19
C PHE B 250 -6.82 0.59 -19.39
N ARG B 251 -6.47 1.88 -19.41
CA ARG B 251 -7.46 2.93 -19.61
C ARG B 251 -7.29 3.60 -20.95
N ILE B 252 -6.08 4.07 -21.24
CA ILE B 252 -5.78 4.72 -22.50
C ILE B 252 -5.92 3.70 -23.63
N ALA B 253 -5.66 2.45 -23.27
CA ALA B 253 -5.73 1.32 -24.20
C ALA B 253 -5.52 0.09 -23.33
N TYR B 254 -5.89 -1.08 -23.83
CA TYR B 254 -5.71 -2.29 -23.04
C TYR B 254 -4.26 -2.40 -22.60
N GLY B 255 -3.35 -1.96 -23.48
CA GLY B 255 -1.93 -2.00 -23.18
C GLY B 255 -1.37 -0.67 -22.70
N GLY B 256 -2.25 0.26 -22.34
CA GLY B 256 -1.81 1.54 -21.84
C GLY B 256 -1.28 2.49 -22.91
N VAL B 257 -0.62 3.57 -22.48
CA VAL B 257 -0.07 4.52 -23.42
C VAL B 257 0.99 3.86 -24.30
N GLN B 258 1.84 3.04 -23.70
CA GLN B 258 2.89 2.39 -24.46
C GLN B 258 2.35 1.66 -25.68
N GLU B 259 1.18 1.04 -25.54
CA GLU B 259 0.59 0.33 -26.68
C GLU B 259 0.05 1.35 -27.67
N LYS B 260 -0.84 2.22 -27.20
CA LYS B 260 -1.45 3.22 -28.06
C LYS B 260 -0.45 4.07 -28.85
N PHE B 261 0.53 4.65 -28.17
CA PHE B 261 1.51 5.48 -28.86
C PHE B 261 2.68 4.69 -29.46
N GLY B 262 2.73 3.40 -29.17
CA GLY B 262 3.79 2.57 -29.72
C GLY B 262 5.21 2.74 -29.21
N VAL B 263 5.37 3.30 -28.02
CA VAL B 263 6.70 3.48 -27.46
C VAL B 263 6.80 2.51 -26.28
N THR B 264 7.79 1.64 -26.31
CA THR B 264 7.96 0.64 -25.27
C THR B 264 9.03 0.98 -24.24
N PRO B 265 8.61 1.14 -22.97
CA PRO B 265 9.51 1.47 -21.86
C PRO B 265 10.18 0.19 -21.39
N ASP B 266 11.17 0.32 -20.51
CA ASP B 266 11.86 -0.85 -19.99
C ASP B 266 11.12 -1.41 -18.79
N LEU B 267 10.46 -0.52 -18.06
CA LEU B 267 9.69 -0.89 -16.88
C LEU B 267 8.44 -0.03 -16.82
N THR B 268 7.36 -0.56 -16.25
CA THR B 268 6.15 0.22 -16.09
C THR B 268 5.42 -0.15 -14.82
N THR B 269 4.82 0.84 -14.17
CA THR B 269 4.05 0.61 -12.96
C THR B 269 2.57 0.59 -13.35
N LEU B 270 1.80 -0.16 -12.60
CA LEU B 270 0.38 -0.27 -12.86
C LEU B 270 -0.35 -0.18 -11.54
N GLY B 271 -1.67 -0.07 -11.62
CA GLY B 271 -2.48 0.02 -10.43
C GLY B 271 -3.91 0.26 -10.84
N LYS B 272 -4.69 0.78 -9.90
CA LYS B 272 -6.10 1.10 -10.13
C LYS B 272 -6.86 -0.03 -10.81
N ILE B 273 -7.08 0.11 -12.11
CA ILE B 273 -7.83 -0.88 -12.88
C ILE B 273 -7.44 -2.34 -12.62
N ILE B 274 -6.16 -2.62 -12.43
CA ILE B 274 -5.75 -4.01 -12.21
C ILE B 274 -6.22 -4.58 -10.87
N GLY B 275 -6.86 -3.74 -10.05
CA GLY B 275 -7.36 -4.20 -8.77
C GLY B 275 -8.87 -4.06 -8.67
N GLY B 276 -9.49 -3.59 -9.75
CA GLY B 276 -10.93 -3.41 -9.78
C GLY B 276 -11.56 -2.66 -8.62
N GLY B 277 -10.81 -1.74 -8.01
CA GLY B 277 -11.36 -0.99 -6.90
C GLY B 277 -10.63 -1.26 -5.61
N LEU B 278 -10.06 -2.45 -5.48
CA LEU B 278 -9.33 -2.80 -4.28
C LEU B 278 -7.90 -2.29 -4.33
N PRO B 279 -7.28 -2.10 -3.15
CA PRO B 279 -5.89 -1.61 -3.09
C PRO B 279 -5.03 -2.54 -3.95
N VAL B 280 -4.29 -1.94 -4.88
CA VAL B 280 -3.47 -2.74 -5.78
C VAL B 280 -2.35 -1.90 -6.40
N GLY B 281 -1.39 -2.58 -6.97
CA GLY B 281 -0.28 -1.92 -7.63
C GLY B 281 0.58 -3.00 -8.23
N ALA B 282 1.46 -2.63 -9.14
CA ALA B 282 2.36 -3.60 -9.76
C ALA B 282 3.41 -2.90 -10.56
N TYR B 283 4.55 -3.55 -10.69
CA TYR B 283 5.63 -3.02 -11.51
C TYR B 283 6.21 -4.19 -12.25
N GLY B 284 6.55 -3.97 -13.52
CA GLY B 284 7.10 -5.03 -14.32
C GLY B 284 7.83 -4.52 -15.54
N GLY B 285 8.37 -5.45 -16.31
CA GLY B 285 9.12 -5.09 -17.51
C GLY B 285 9.88 -6.32 -17.96
N LYS B 286 11.01 -6.10 -18.63
CA LYS B 286 11.84 -7.18 -19.11
C LYS B 286 12.19 -8.08 -17.93
N ARG B 287 12.16 -9.39 -18.15
CA ARG B 287 12.47 -10.34 -17.10
C ARG B 287 13.92 -10.18 -16.61
N GLU B 288 14.80 -9.77 -17.51
CA GLU B 288 16.21 -9.58 -17.18
C GLU B 288 16.33 -8.58 -16.05
N ILE B 289 15.54 -7.52 -16.09
CA ILE B 289 15.57 -6.52 -15.04
C ILE B 289 14.79 -7.01 -13.82
N MET B 290 13.57 -7.49 -14.06
CA MET B 290 12.69 -7.96 -13.00
C MET B 290 13.28 -9.07 -12.13
N GLN B 291 14.20 -9.84 -12.69
CA GLN B 291 14.83 -10.93 -11.93
C GLN B 291 15.70 -10.44 -10.79
N LEU B 292 15.92 -9.14 -10.73
CA LEU B 292 16.72 -8.55 -9.65
C LEU B 292 15.90 -8.44 -8.37
N VAL B 293 14.58 -8.50 -8.52
CA VAL B 293 13.67 -8.38 -7.39
C VAL B 293 13.65 -9.63 -6.52
N ALA B 294 13.73 -9.41 -5.21
CA ALA B 294 13.71 -10.52 -4.25
C ALA B 294 12.38 -11.24 -4.42
N PRO B 295 12.36 -12.56 -4.21
CA PRO B 295 13.50 -13.40 -3.82
C PRO B 295 14.35 -13.89 -4.99
N ALA B 296 14.00 -13.47 -6.20
CA ALA B 296 14.75 -13.90 -7.38
C ALA B 296 16.11 -13.19 -7.40
N GLY B 297 16.11 -11.92 -7.03
CA GLY B 297 17.34 -11.15 -7.04
C GLY B 297 17.62 -10.47 -5.71
N PRO B 298 18.71 -9.68 -5.64
CA PRO B 298 19.13 -8.96 -4.44
C PRO B 298 18.34 -7.70 -4.09
N MET B 299 17.52 -7.19 -5.00
CA MET B 299 16.78 -5.98 -4.67
C MET B 299 15.60 -6.30 -3.77
N TYR B 300 15.59 -5.71 -2.59
CA TYR B 300 14.52 -5.96 -1.64
C TYR B 300 13.25 -5.15 -1.84
N GLN B 301 12.14 -5.86 -1.73
CA GLN B 301 10.80 -5.30 -1.83
C GLN B 301 9.91 -6.43 -1.35
N ALA B 302 9.02 -6.12 -0.42
CA ALA B 302 8.11 -7.11 0.12
C ALA B 302 6.75 -6.47 0.33
N GLY B 303 5.74 -7.31 0.50
CA GLY B 303 4.39 -6.83 0.71
C GLY B 303 3.61 -7.97 1.30
N THR B 304 3.43 -7.94 2.62
CA THR B 304 2.74 -8.98 3.34
C THR B 304 1.42 -9.39 2.72
N LEU B 305 0.57 -8.42 2.39
CA LEU B 305 -0.74 -8.70 1.83
C LEU B 305 -0.85 -8.52 0.32
N SER B 306 0.29 -8.41 -0.37
CA SER B 306 0.29 -8.25 -1.82
C SER B 306 -0.26 -9.51 -2.45
N GLY B 307 -0.76 -9.38 -3.68
CA GLY B 307 -1.33 -10.53 -4.37
C GLY B 307 -2.62 -10.96 -3.70
N ASN B 308 -3.29 -10.01 -3.05
CA ASN B 308 -4.56 -10.28 -2.36
C ASN B 308 -5.52 -10.96 -3.34
N PRO B 309 -6.08 -12.12 -2.95
CA PRO B 309 -7.01 -12.86 -3.81
C PRO B 309 -8.23 -12.07 -4.29
N LEU B 310 -8.73 -11.17 -3.45
CA LEU B 310 -9.89 -10.37 -3.82
C LEU B 310 -9.46 -9.33 -4.85
N ALA B 311 -8.29 -8.72 -4.62
CA ALA B 311 -7.78 -7.72 -5.55
C ALA B 311 -7.48 -8.38 -6.90
N MET B 312 -6.89 -9.57 -6.88
CA MET B 312 -6.57 -10.31 -8.11
C MET B 312 -7.86 -10.65 -8.84
N THR B 313 -8.85 -11.12 -8.08
CA THR B 313 -10.14 -11.48 -8.63
C THR B 313 -10.79 -10.32 -9.37
N ALA B 314 -10.90 -9.19 -8.69
CA ALA B 314 -11.53 -8.01 -9.26
C ALA B 314 -10.73 -7.49 -10.46
N GLY B 315 -9.41 -7.62 -10.38
CA GLY B 315 -8.56 -7.16 -11.48
C GLY B 315 -8.71 -8.09 -12.68
N ILE B 316 -8.75 -9.39 -12.43
CA ILE B 316 -8.91 -10.36 -13.50
C ILE B 316 -10.24 -10.11 -14.21
N LYS B 317 -11.31 -10.00 -13.43
CA LYS B 317 -12.63 -9.78 -14.02
C LYS B 317 -12.71 -8.44 -14.76
N THR B 318 -12.10 -7.41 -14.19
CA THR B 318 -12.11 -6.09 -14.80
C THR B 318 -11.42 -6.14 -16.16
N LEU B 319 -10.32 -6.88 -16.24
CA LEU B 319 -9.59 -6.99 -17.50
C LEU B 319 -10.38 -7.80 -18.51
N GLU B 320 -11.03 -8.88 -18.06
CA GLU B 320 -11.82 -9.69 -18.98
C GLU B 320 -12.87 -8.79 -19.64
N LEU B 321 -13.53 -7.98 -18.83
CA LEU B 321 -14.55 -7.06 -19.33
C LEU B 321 -13.99 -6.08 -20.34
N LEU B 322 -12.80 -5.55 -20.06
CA LEU B 322 -12.16 -4.60 -20.95
C LEU B 322 -11.76 -5.23 -22.28
N ARG B 323 -11.54 -6.54 -22.26
CA ARG B 323 -11.14 -7.27 -23.45
C ARG B 323 -12.28 -7.45 -24.46
N GLN B 324 -13.49 -7.09 -24.07
CA GLN B 324 -14.62 -7.23 -24.98
C GLN B 324 -14.50 -6.22 -26.13
N PRO B 325 -15.03 -6.58 -27.30
CA PRO B 325 -14.99 -5.71 -28.48
C PRO B 325 -15.71 -4.38 -28.25
N GLY B 326 -15.16 -3.30 -28.80
CA GLY B 326 -15.79 -1.99 -28.68
C GLY B 326 -15.60 -1.25 -27.38
N THR B 327 -14.89 -1.86 -26.44
CA THR B 327 -14.66 -1.24 -25.14
C THR B 327 -13.93 0.10 -25.23
N TYR B 328 -12.72 0.11 -25.79
CA TYR B 328 -11.99 1.35 -25.89
C TYR B 328 -12.54 2.31 -26.93
N GLU B 329 -13.20 1.78 -27.96
CA GLU B 329 -13.79 2.64 -28.97
C GLU B 329 -14.92 3.40 -28.30
N TYR B 330 -15.70 2.69 -27.49
CA TYR B 330 -16.82 3.32 -26.80
C TYR B 330 -16.33 4.42 -25.88
N LEU B 331 -15.34 4.10 -25.05
CA LEU B 331 -14.78 5.10 -24.14
C LEU B 331 -14.34 6.32 -24.93
N ASP B 332 -13.55 6.09 -25.98
CA ASP B 332 -13.06 7.19 -26.79
C ASP B 332 -14.20 8.03 -27.35
N GLN B 333 -15.21 7.35 -27.88
CA GLN B 333 -16.39 7.98 -28.46
C GLN B 333 -17.10 8.96 -27.54
N ILE B 334 -17.60 8.46 -26.42
CA ILE B 334 -18.32 9.31 -25.48
C ILE B 334 -17.44 10.38 -24.85
N THR B 335 -16.18 10.04 -24.59
CA THR B 335 -15.25 11.00 -23.96
C THR B 335 -14.86 12.14 -24.90
N LYS B 336 -14.72 11.85 -26.20
CA LYS B 336 -14.39 12.89 -27.17
C LYS B 336 -15.57 13.85 -27.26
N ARG B 337 -16.78 13.28 -27.27
CA ARG B 337 -17.99 14.07 -27.35
C ARG B 337 -18.11 14.93 -26.09
N LEU B 338 -17.74 14.35 -24.96
CA LEU B 338 -17.78 15.05 -23.68
C LEU B 338 -16.77 16.20 -23.71
N SER B 339 -15.53 15.86 -24.05
CA SER B 339 -14.48 16.86 -24.09
C SER B 339 -14.75 17.95 -25.13
N ASP B 340 -15.16 17.56 -26.33
CA ASP B 340 -15.46 18.53 -27.36
C ASP B 340 -16.61 19.41 -26.90
N GLY B 341 -17.60 18.78 -26.27
CA GLY B 341 -18.75 19.52 -25.78
C GLY B 341 -18.36 20.58 -24.77
N LEU B 342 -17.52 20.19 -23.82
CA LEU B 342 -17.06 21.12 -22.79
C LEU B 342 -16.36 22.33 -23.42
N LEU B 343 -15.40 22.05 -24.29
CA LEU B 343 -14.66 23.12 -24.95
C LEU B 343 -15.59 23.99 -25.80
N ALA B 344 -16.58 23.37 -26.44
CA ALA B 344 -17.50 24.12 -27.27
C ALA B 344 -18.32 25.06 -26.39
N ILE B 345 -18.84 24.52 -25.30
CA ILE B 345 -19.66 25.30 -24.37
C ILE B 345 -18.82 26.43 -23.76
N ALA B 346 -17.56 26.14 -23.46
CA ALA B 346 -16.66 27.13 -22.89
C ALA B 346 -16.49 28.27 -23.89
N GLN B 347 -16.36 27.91 -25.16
CA GLN B 347 -16.20 28.88 -26.23
C GLN B 347 -17.45 29.73 -26.43
N GLU B 348 -18.61 29.08 -26.49
CA GLU B 348 -19.85 29.81 -26.70
C GLU B 348 -20.25 30.67 -25.50
N THR B 349 -19.76 30.32 -24.33
CA THR B 349 -20.09 31.09 -23.14
C THR B 349 -19.01 32.12 -22.80
N GLY B 350 -17.99 32.21 -23.65
CA GLY B 350 -16.93 33.18 -23.44
C GLY B 350 -15.86 32.90 -22.40
N HIS B 351 -15.57 31.63 -22.16
CA HIS B 351 -14.55 31.29 -21.18
C HIS B 351 -13.34 30.64 -21.82
N ALA B 352 -12.16 31.18 -21.50
CA ALA B 352 -10.93 30.62 -22.03
C ALA B 352 -10.77 29.24 -21.43
N ALA B 353 -10.63 28.24 -22.29
CA ALA B 353 -10.44 26.88 -21.83
C ALA B 353 -9.70 26.07 -22.88
N CYS B 354 -9.18 24.93 -22.45
CA CYS B 354 -8.45 24.04 -23.34
C CYS B 354 -8.46 22.68 -22.66
N GLY B 355 -8.50 21.64 -23.47
CA GLY B 355 -8.51 20.31 -22.93
C GLY B 355 -8.35 19.33 -24.05
N GLY B 356 -8.66 18.07 -23.76
CA GLY B 356 -8.54 17.05 -24.77
C GLY B 356 -8.82 15.75 -24.08
N GLN B 357 -8.74 14.66 -24.84
CA GLN B 357 -9.00 13.36 -24.27
C GLN B 357 -8.40 12.29 -25.15
N VAL B 358 -8.10 11.16 -24.52
CA VAL B 358 -7.57 9.99 -25.19
C VAL B 358 -8.25 8.87 -24.43
N SER B 359 -9.11 8.14 -25.12
CA SER B 359 -9.87 7.06 -24.50
C SER B 359 -10.72 7.67 -23.38
N GLY B 360 -11.00 6.91 -22.33
CA GLY B 360 -11.81 7.42 -21.24
C GLY B 360 -11.06 8.32 -20.26
N MET B 361 -10.13 9.11 -20.76
CA MET B 361 -9.36 10.01 -19.92
C MET B 361 -9.38 11.39 -20.57
N PHE B 362 -9.71 12.41 -19.79
CA PHE B 362 -9.80 13.75 -20.34
C PHE B 362 -9.41 14.83 -19.37
N GLY B 363 -9.26 16.04 -19.90
CA GLY B 363 -8.91 17.19 -19.08
C GLY B 363 -9.63 18.42 -19.60
N PHE B 364 -9.87 19.35 -18.70
CA PHE B 364 -10.56 20.59 -19.05
C PHE B 364 -9.98 21.65 -18.13
N PHE B 365 -9.20 22.57 -18.71
CA PHE B 365 -8.58 23.64 -17.93
C PHE B 365 -9.21 24.98 -18.25
N PHE B 366 -9.39 25.81 -17.23
CA PHE B 366 -9.92 27.15 -17.46
C PHE B 366 -8.74 28.08 -17.73
N THR B 367 -8.15 27.87 -18.91
CA THR B 367 -7.04 28.66 -19.40
C THR B 367 -6.99 28.36 -20.89
N GLU B 368 -6.71 29.39 -21.70
CA GLU B 368 -6.63 29.17 -23.14
C GLU B 368 -5.47 28.26 -23.47
N GLY B 369 -4.57 28.09 -22.52
CA GLY B 369 -3.41 27.25 -22.76
C GLY B 369 -2.48 27.94 -23.73
N PRO B 370 -1.68 27.18 -24.50
CA PRO B 370 -1.58 25.73 -24.53
C PRO B 370 -1.11 25.18 -23.19
N VAL B 371 -1.35 23.89 -22.97
CA VAL B 371 -0.93 23.24 -21.73
C VAL B 371 -0.09 22.01 -22.07
N HIS B 372 1.23 22.20 -22.15
CA HIS B 372 2.14 21.10 -22.45
C HIS B 372 2.88 20.64 -21.19
N ASN B 373 2.79 21.43 -20.13
CA ASN B 373 3.47 21.09 -18.90
C ASN B 373 2.74 21.66 -17.69
N TYR B 374 3.24 21.36 -16.50
CA TYR B 374 2.65 21.84 -15.27
C TYR B 374 2.61 23.37 -15.20
N GLU B 375 3.69 24.01 -15.63
CA GLU B 375 3.75 25.46 -15.63
C GLU B 375 2.54 26.00 -16.38
N ASP B 376 2.27 25.43 -17.56
CA ASP B 376 1.13 25.86 -18.36
C ASP B 376 -0.16 25.62 -17.58
N ALA B 377 -0.28 24.43 -17.01
CA ALA B 377 -1.46 24.07 -16.25
C ALA B 377 -1.79 25.08 -15.14
N LYS B 378 -0.75 25.57 -14.48
CA LYS B 378 -0.93 26.51 -13.38
C LYS B 378 -1.48 27.87 -13.78
N LYS B 379 -1.64 28.10 -15.08
CA LYS B 379 -2.18 29.38 -15.54
C LYS B 379 -3.69 29.36 -15.48
N SER B 380 -4.25 28.19 -15.18
CA SER B 380 -5.70 28.04 -15.10
C SER B 380 -6.30 28.93 -14.01
N ASP B 381 -7.52 29.39 -14.26
CA ASP B 381 -8.21 30.22 -13.30
C ASP B 381 -8.84 29.30 -12.25
N LEU B 382 -8.12 29.06 -11.16
CA LEU B 382 -8.57 28.19 -10.09
C LEU B 382 -9.87 28.67 -9.44
N GLN B 383 -10.06 29.99 -9.39
CA GLN B 383 -11.27 30.54 -8.81
C GLN B 383 -12.44 30.13 -9.69
N LYS B 384 -12.24 30.25 -11.00
CA LYS B 384 -13.28 29.90 -11.96
C LYS B 384 -13.55 28.40 -11.90
N PHE B 385 -12.49 27.61 -11.80
CA PHE B 385 -12.68 26.16 -11.73
C PHE B 385 -13.49 25.77 -10.50
N SER B 386 -13.19 26.40 -9.38
CA SER B 386 -13.89 26.12 -8.14
C SER B 386 -15.38 26.38 -8.28
N ARG B 387 -15.74 27.55 -8.82
CA ARG B 387 -17.15 27.89 -9.01
C ARG B 387 -17.78 26.94 -10.02
N PHE B 388 -17.01 26.58 -11.03
CA PHE B 388 -17.49 25.66 -12.05
C PHE B 388 -17.78 24.31 -11.39
N HIS B 389 -16.83 23.86 -10.58
CA HIS B 389 -16.97 22.59 -9.90
C HIS B 389 -18.20 22.54 -9.01
N ARG B 390 -18.39 23.60 -8.21
CA ARG B 390 -19.56 23.65 -7.32
C ARG B 390 -20.86 23.67 -8.10
N GLY B 391 -20.89 24.48 -9.16
CA GLY B 391 -22.08 24.58 -9.97
C GLY B 391 -22.41 23.25 -10.62
N MET B 392 -21.39 22.53 -11.06
CA MET B 392 -21.61 21.24 -11.69
C MET B 392 -22.15 20.26 -10.65
N LEU B 393 -21.64 20.38 -9.43
CA LEU B 393 -22.08 19.54 -8.34
C LEU B 393 -23.58 19.75 -8.13
N GLU B 394 -24.00 21.01 -8.13
CA GLU B 394 -25.41 21.37 -7.96
C GLU B 394 -26.25 20.86 -9.12
N GLN B 395 -25.64 20.71 -10.28
CA GLN B 395 -26.32 20.21 -11.47
C GLN B 395 -26.29 18.68 -11.51
N GLY B 396 -25.80 18.08 -10.43
CA GLY B 396 -25.75 16.63 -10.37
C GLY B 396 -24.60 16.00 -11.12
N ILE B 397 -23.47 16.71 -11.17
CA ILE B 397 -22.29 16.21 -11.87
C ILE B 397 -21.11 16.25 -10.91
N TYR B 398 -20.39 15.14 -10.80
CA TYR B 398 -19.26 15.09 -9.89
C TYR B 398 -17.95 15.03 -10.65
N LEU B 399 -17.20 16.13 -10.64
CA LEU B 399 -15.91 16.20 -11.34
C LEU B 399 -14.80 16.15 -10.28
N ALA B 400 -13.59 15.87 -10.72
CA ALA B 400 -12.46 15.82 -9.80
C ALA B 400 -12.42 17.18 -9.10
N PRO B 401 -12.30 17.18 -7.75
CA PRO B 401 -12.23 18.41 -6.96
C PRO B 401 -10.92 19.17 -7.07
N SER B 402 -10.38 19.21 -8.28
CA SER B 402 -9.13 19.91 -8.52
C SER B 402 -8.97 20.17 -10.01
N GLN B 403 -8.42 21.34 -10.34
CA GLN B 403 -8.18 21.70 -11.73
C GLN B 403 -7.02 20.85 -12.24
N PHE B 404 -6.20 20.37 -11.32
CA PHE B 404 -5.01 19.58 -11.66
C PHE B 404 -5.21 18.07 -11.57
N GLU B 405 -6.39 17.63 -11.96
CA GLU B 405 -6.72 16.22 -11.97
C GLU B 405 -7.45 15.95 -13.28
N ALA B 406 -7.04 14.90 -13.99
CA ALA B 406 -7.72 14.55 -15.23
C ALA B 406 -9.07 13.96 -14.86
N GLY B 407 -9.98 13.90 -15.82
CA GLY B 407 -11.29 13.34 -15.56
C GLY B 407 -11.36 11.95 -16.16
N PHE B 408 -12.33 11.15 -15.73
CA PHE B 408 -12.44 9.80 -16.26
C PHE B 408 -13.87 9.41 -16.60
N THR B 409 -14.00 8.56 -17.62
CA THR B 409 -15.28 8.06 -18.04
C THR B 409 -15.23 6.55 -17.90
N SER B 410 -16.39 5.91 -18.00
CA SER B 410 -16.43 4.46 -17.84
C SER B 410 -17.38 3.85 -18.84
N LEU B 411 -17.33 2.53 -18.95
CA LEU B 411 -18.20 1.82 -19.87
C LEU B 411 -19.65 1.97 -19.47
N ALA B 412 -19.89 2.32 -18.21
CA ALA B 412 -21.25 2.49 -17.69
C ALA B 412 -21.87 3.83 -18.10
N HIS B 413 -21.04 4.80 -18.43
CA HIS B 413 -21.54 6.12 -18.85
C HIS B 413 -22.32 5.97 -20.15
N THR B 414 -23.59 6.33 -20.11
CA THR B 414 -24.44 6.23 -21.28
C THR B 414 -24.36 7.51 -22.10
N GLU B 415 -24.91 7.45 -23.30
CA GLU B 415 -24.93 8.60 -24.20
C GLU B 415 -25.78 9.65 -23.50
N GLU B 416 -26.79 9.20 -22.76
CA GLU B 416 -27.67 10.11 -22.04
C GLU B 416 -26.90 10.83 -20.96
N ASP B 417 -26.09 10.09 -20.21
CA ASP B 417 -25.28 10.69 -19.16
C ASP B 417 -24.47 11.84 -19.71
N ILE B 418 -23.80 11.60 -20.84
CA ILE B 418 -22.99 12.63 -21.47
C ILE B 418 -23.85 13.82 -21.87
N ASP B 419 -25.04 13.55 -22.42
CA ASP B 419 -25.93 14.63 -22.82
C ASP B 419 -26.27 15.49 -21.61
N ALA B 420 -26.62 14.83 -20.52
CA ALA B 420 -26.96 15.51 -19.28
C ALA B 420 -25.77 16.29 -18.72
N THR B 421 -24.59 15.71 -18.84
CA THR B 421 -23.39 16.35 -18.33
C THR B 421 -23.10 17.63 -19.11
N LEU B 422 -23.27 17.58 -20.43
CA LEU B 422 -23.03 18.76 -21.27
C LEU B 422 -24.09 19.81 -20.99
N ALA B 423 -25.34 19.37 -20.83
CA ALA B 423 -26.43 20.29 -20.52
C ALA B 423 -26.08 21.01 -19.22
N ALA B 424 -25.60 20.24 -18.24
CA ALA B 424 -25.22 20.81 -16.95
C ALA B 424 -24.12 21.84 -17.15
N ALA B 425 -23.11 21.48 -17.93
CA ALA B 425 -21.98 22.37 -18.19
C ALA B 425 -22.48 23.68 -18.78
N ARG B 426 -23.39 23.58 -19.75
CA ARG B 426 -23.96 24.76 -20.39
C ARG B 426 -24.55 25.67 -19.34
N THR B 427 -25.38 25.09 -18.48
CA THR B 427 -26.02 25.84 -17.42
C THR B 427 -25.00 26.49 -16.51
N VAL B 428 -24.03 25.69 -16.06
CA VAL B 428 -23.00 26.23 -15.17
C VAL B 428 -22.15 27.31 -15.82
N MET B 429 -21.58 27.02 -16.98
CA MET B 429 -20.73 28.01 -17.63
C MET B 429 -21.51 29.26 -18.06
N SER B 430 -22.77 29.10 -18.42
CA SER B 430 -23.57 30.25 -18.81
C SER B 430 -23.74 31.14 -17.58
N ALA B 431 -23.58 30.54 -16.41
CA ALA B 431 -23.73 31.28 -15.15
C ALA B 431 -22.41 31.80 -14.60
N LEU B 432 -21.30 31.32 -15.14
CA LEU B 432 -19.98 31.76 -14.67
C LEU B 432 -19.70 33.19 -15.10
N1 PMP C . 5.71 -3.16 10.27
C2 PMP C . 5.63 -4.50 10.92
C2A PMP C . 5.83 -4.66 12.44
C3 PMP C . 5.37 -5.59 10.12
O3 PMP C . 5.29 -6.86 10.66
C4 PMP C . 5.20 -5.42 8.74
C4A PMP C . 4.91 -6.67 7.89
N4A PMP C . 6.01 -7.49 8.00
C5 PMP C . 5.28 -4.11 8.13
C6 PMP C . 5.54 -3.00 8.91
C5A PMP C . 5.13 -3.93 6.59
O4P PMP C . 3.91 -4.46 6.19
P PMP C . 3.41 -4.56 4.71
O1P PMP C . 1.97 -4.55 4.94
O2P PMP C . 3.98 -3.28 4.04
O3P PMP C . 3.92 -5.70 3.99
N HOZ D . 25.18 -5.25 19.15
CA HOZ D . 23.98 -6.07 18.86
C HOZ D . 23.58 -7.18 19.85
N1 HOZ D . 22.19 -7.15 20.37
CB HOZ D . 24.08 -6.57 17.38
CG HOZ D . 24.85 -7.89 17.07
CD HOZ D . 24.86 -8.23 15.61
OE1 HOZ D . 23.80 -8.69 15.09
OE2 HOZ D . 25.91 -8.06 14.96
N1 PMP E . 1.43 7.03 -10.00
C2 PMP E . 0.33 7.70 -10.75
C2A PMP E . 0.47 8.02 -12.26
C3 PMP E . -0.83 8.04 -10.06
O3 PMP E . -1.88 8.66 -10.68
C4 PMP E . -0.92 7.74 -8.68
C4A PMP E . -2.22 8.13 -7.97
N4A PMP E . -2.24 9.50 -7.91
C5 PMP E . 0.15 7.09 -7.98
C6 PMP E . 1.30 6.75 -8.65
C5A PMP E . 0.04 6.78 -6.46
O4P PMP E . -1.08 5.97 -6.26
P PMP E . -1.62 5.46 -4.89
O1P PMP E . -2.36 4.27 -5.33
O2P PMP E . -0.29 5.18 -4.11
O3P PMP E . -2.37 6.42 -4.11
#